data_3WB1
#
_entry.id   3WB1
#
_cell.length_a   52.829
_cell.length_b   114.831
_cell.length_c   53.812
_cell.angle_alpha   90.000
_cell.angle_beta   119.530
_cell.angle_gamma   90.000
#
_symmetry.space_group_name_H-M   'P 1 21 1'
#
loop_
_entity.id
_entity.type
_entity.pdbx_description
1 polymer 'Uncharacterized protein MJ0488'
2 non-polymer 'SULFATE ION'
3 water water
#
_entity_poly.entity_id   1
_entity_poly.type   'polypeptide(L)'
_entity_poly.pdbx_seq_one_letter_code
;MVVMEEIIKKAFIESINNIRRGDKEEELKKIQEKIVNAKKIVVATNNQKKFKVIRDIMLRVCNAEIKMLDIDTRFADLTR
MPALTKGLIALDIEKADLYIARGRLGAPGSGSMLVILDEKGRVLTASLSPSSVIHKEDIEERIKKELIEALSRIGISILE
HHHHHH
;
_entity_poly.pdbx_strand_id   A,B,C,D
#
loop_
_chem_comp.id
_chem_comp.type
_chem_comp.name
_chem_comp.formula
SO4 non-polymer 'SULFATE ION' 'O4 S -2'
#
# COMPACT_ATOMS: atom_id res chain seq x y z
N VAL A 2 10.31 -26.58 2.20
CA VAL A 2 11.41 -25.66 1.90
C VAL A 2 10.99 -24.25 2.32
N VAL A 3 11.83 -23.25 2.12
CA VAL A 3 11.52 -21.89 2.54
C VAL A 3 10.49 -21.18 1.64
N MET A 4 9.64 -20.35 2.25
CA MET A 4 8.59 -19.60 1.54
C MET A 4 9.16 -18.70 0.43
N GLU A 5 10.30 -18.06 0.70
CA GLU A 5 10.94 -17.17 -0.27
C GLU A 5 11.27 -17.92 -1.56
N GLU A 6 11.61 -19.21 -1.44
CA GLU A 6 11.97 -19.99 -2.62
C GLU A 6 10.73 -20.39 -3.40
N ILE A 7 9.65 -20.67 -2.69
CA ILE A 7 8.41 -21.06 -3.34
C ILE A 7 7.83 -19.87 -4.10
N ILE A 8 7.92 -18.69 -3.51
CA ILE A 8 7.41 -17.48 -4.14
C ILE A 8 8.30 -17.05 -5.33
N LYS A 9 9.61 -17.25 -5.21
CA LYS A 9 10.56 -16.94 -6.29
C LYS A 9 10.18 -17.66 -7.59
N LYS A 10 9.93 -18.97 -7.50
CA LYS A 10 9.53 -19.76 -8.67
C LYS A 10 8.24 -19.24 -9.29
N ALA A 11 7.30 -18.84 -8.45
CA ALA A 11 6.03 -18.30 -8.94
C ALA A 11 6.26 -16.98 -9.67
N PHE A 12 7.09 -16.12 -9.10
CA PHE A 12 7.37 -14.82 -9.71
C PHE A 12 8.04 -15.00 -11.06
N ILE A 13 8.91 -16.00 -11.16
CA ILE A 13 9.61 -16.29 -12.40
C ILE A 13 8.64 -16.83 -13.46
N GLU A 14 7.71 -17.67 -13.03
CA GLU A 14 6.69 -18.21 -13.92
C GLU A 14 5.86 -17.10 -14.52
N SER A 15 5.56 -16.09 -13.70
CA SER A 15 4.76 -14.95 -14.12
C SER A 15 5.53 -14.07 -15.10
N ILE A 16 6.81 -13.89 -14.82
CA ILE A 16 7.69 -13.12 -15.70
C ILE A 16 7.77 -13.76 -17.08
N ASN A 17 7.88 -15.08 -17.12
CA ASN A 17 8.04 -15.77 -18.39
C ASN A 17 6.71 -16.28 -18.95
N ASN A 18 5.61 -15.76 -18.42
CA ASN A 18 4.28 -15.97 -18.97
C ASN A 18 3.87 -17.44 -19.08
N ILE A 19 4.16 -18.23 -18.05
CA ILE A 19 3.69 -19.62 -18.00
C ILE A 19 2.87 -19.89 -16.74
N ARG A 20 2.58 -18.83 -15.99
CA ARG A 20 1.83 -18.96 -14.74
C ARG A 20 0.37 -19.39 -15.01
N ARG A 21 0.03 -20.58 -14.50
CA ARG A 21 -1.32 -21.14 -14.63
C ARG A 21 -1.86 -21.54 -13.26
N GLY A 22 -2.28 -20.55 -12.49
CA GLY A 22 -2.88 -20.83 -11.19
C GLY A 22 -1.89 -21.23 -10.12
N ASP A 23 -2.41 -21.39 -8.91
CA ASP A 23 -1.59 -21.75 -7.75
C ASP A 23 -1.08 -23.18 -7.83
N LYS A 24 0.03 -23.44 -7.15
CA LYS A 24 0.66 -24.76 -7.16
C LYS A 24 0.39 -25.52 -5.86
N GLU A 25 0.52 -26.84 -5.89
CA GLU A 25 0.29 -27.65 -4.70
C GLU A 25 1.23 -27.29 -3.57
N GLU A 26 2.50 -27.12 -3.92
CA GLU A 26 3.53 -26.79 -2.94
C GLU A 26 3.24 -25.46 -2.25
N GLU A 27 2.66 -24.50 -2.98
CA GLU A 27 2.32 -23.19 -2.41
C GLU A 27 1.25 -23.33 -1.33
N LEU A 28 0.26 -24.17 -1.58
CA LEU A 28 -0.80 -24.38 -0.60
C LEU A 28 -0.32 -25.16 0.63
N LYS A 29 0.61 -26.09 0.44
CA LYS A 29 1.14 -26.81 1.59
C LYS A 29 1.94 -25.87 2.47
N LYS A 30 2.64 -24.92 1.84
CA LYS A 30 3.48 -23.99 2.60
C LYS A 30 2.64 -23.06 3.45
N ILE A 31 1.55 -22.54 2.87
CA ILE A 31 0.62 -21.70 3.61
C ILE A 31 0.04 -22.50 4.76
N GLN A 32 -0.32 -23.75 4.50
CA GLN A 32 -0.84 -24.64 5.52
C GLN A 32 0.20 -24.81 6.63
N GLU A 33 1.43 -25.09 6.22
CA GLU A 33 2.54 -25.32 7.14
C GLU A 33 2.84 -24.08 8.01
N LYS A 34 2.82 -22.90 7.40
CA LYS A 34 3.07 -21.66 8.12
C LYS A 34 2.03 -21.41 9.21
N ILE A 35 0.78 -21.74 8.90
CA ILE A 35 -0.31 -21.56 9.84
C ILE A 35 -0.25 -22.61 10.94
N VAL A 36 -0.09 -23.85 10.51
CA VAL A 36 -0.09 -25.00 11.41
C VAL A 36 1.07 -25.01 12.39
N ASN A 37 2.28 -24.77 11.88
CA ASN A 37 3.49 -24.83 12.70
C ASN A 37 3.84 -23.52 13.40
N ALA A 38 2.90 -22.58 13.40
CA ALA A 38 3.09 -21.30 14.09
C ALA A 38 3.19 -21.46 15.60
N LYS A 39 4.08 -20.72 16.24
CA LYS A 39 4.27 -20.80 17.69
C LYS A 39 3.72 -19.56 18.37
N LYS A 40 3.63 -18.45 17.63
CA LYS A 40 3.11 -17.22 18.19
C LYS A 40 2.13 -16.58 17.20
N ILE A 41 0.92 -16.31 17.68
CA ILE A 41 -0.10 -15.64 16.87
C ILE A 41 -0.57 -14.39 17.59
N VAL A 42 -0.66 -13.29 16.84
CA VAL A 42 -1.20 -12.06 17.38
C VAL A 42 -2.51 -11.75 16.66
N VAL A 43 -3.58 -11.55 17.42
CA VAL A 43 -4.86 -11.18 16.83
C VAL A 43 -5.07 -9.68 16.98
N ALA A 44 -5.14 -8.99 15.85
CA ALA A 44 -5.23 -7.52 15.84
C ALA A 44 -6.65 -7.07 16.17
N THR A 45 -7.00 -7.15 17.44
CA THR A 45 -8.28 -6.65 17.94
C THR A 45 -8.08 -6.20 19.38
N ASN A 46 -9.04 -5.44 19.90
CA ASN A 46 -9.06 -5.10 21.32
C ASN A 46 -10.35 -5.61 21.95
N ASN A 47 -11.28 -6.00 21.09
CA ASN A 47 -12.56 -6.58 21.51
C ASN A 47 -12.36 -8.02 21.99
N GLN A 48 -12.60 -8.25 23.28
CA GLN A 48 -12.31 -9.54 23.89
C GLN A 48 -13.21 -10.68 23.40
N LYS A 49 -14.45 -10.39 23.04
CA LYS A 49 -15.31 -11.43 22.45
C LYS A 49 -14.75 -11.98 21.15
N LYS A 50 -14.48 -11.09 20.20
CA LYS A 50 -13.98 -11.48 18.90
C LYS A 50 -12.68 -12.25 19.02
N PHE A 51 -11.85 -11.83 19.98
CA PHE A 51 -10.58 -12.50 20.21
C PHE A 51 -10.77 -13.93 20.70
N LYS A 52 -11.73 -14.15 21.61
CA LYS A 52 -12.00 -15.49 22.13
C LYS A 52 -12.28 -16.47 21.01
N VAL A 53 -13.21 -16.07 20.14
CA VAL A 53 -13.63 -16.92 19.03
C VAL A 53 -12.45 -17.27 18.15
N ILE A 54 -11.69 -16.25 17.76
CA ILE A 54 -10.54 -16.46 16.90
C ILE A 54 -9.52 -17.38 17.57
N ARG A 55 -9.26 -17.12 18.86
CA ARG A 55 -8.32 -17.90 19.64
C ARG A 55 -8.73 -19.36 19.81
N ASP A 56 -9.98 -19.57 20.20
CA ASP A 56 -10.50 -20.93 20.41
C ASP A 56 -10.40 -21.74 19.12
N ILE A 57 -10.69 -21.07 18.00
CA ILE A 57 -10.61 -21.73 16.69
C ILE A 57 -9.17 -22.11 16.38
N MET A 58 -8.28 -21.14 16.50
CA MET A 58 -6.88 -21.35 16.10
C MET A 58 -6.14 -22.28 17.04
N LEU A 59 -6.63 -22.45 18.26
CA LEU A 59 -6.01 -23.37 19.20
C LEU A 59 -6.21 -24.81 18.75
N ARG A 60 -7.19 -25.02 17.88
CA ARG A 60 -7.50 -26.34 17.35
C ARG A 60 -6.62 -26.75 16.16
N VAL A 61 -5.92 -25.79 15.56
CA VAL A 61 -5.13 -26.09 14.37
C VAL A 61 -3.64 -25.87 14.60
N CYS A 62 -3.28 -25.14 15.66
CA CYS A 62 -1.87 -24.93 15.95
C CYS A 62 -1.62 -24.93 17.44
N ASN A 63 -0.39 -25.27 17.83
CA ASN A 63 0.02 -25.18 19.23
C ASN A 63 0.81 -23.90 19.45
N ALA A 64 0.09 -22.77 19.47
CA ALA A 64 0.73 -21.48 19.50
C ALA A 64 0.23 -20.59 20.62
N GLU A 65 1.15 -19.77 21.12
CA GLU A 65 0.80 -18.68 22.02
C GLU A 65 0.01 -17.65 21.22
N ILE A 66 -1.21 -17.34 21.67
CA ILE A 66 -2.11 -16.46 20.91
C ILE A 66 -2.44 -15.20 21.70
N LYS A 67 -2.15 -14.06 21.10
CA LYS A 67 -2.20 -12.79 21.83
C LYS A 67 -3.13 -11.78 21.17
N MET A 68 -3.72 -10.91 21.99
CA MET A 68 -4.60 -9.83 21.55
C MET A 68 -3.79 -8.54 21.51
N LEU A 69 -4.24 -7.54 20.74
CA LEU A 69 -3.47 -6.31 20.63
C LEU A 69 -3.67 -5.37 21.82
N ASP A 70 -2.56 -4.89 22.37
CA ASP A 70 -2.55 -4.00 23.52
C ASP A 70 -3.09 -2.60 23.24
N ILE A 71 -3.05 -2.18 21.97
CA ILE A 71 -3.40 -0.80 21.63
C ILE A 71 -4.66 -0.76 20.79
N ASP A 72 -5.30 0.40 20.74
CA ASP A 72 -6.57 0.53 20.03
C ASP A 72 -6.31 0.73 18.54
N THR A 73 -6.86 -0.19 17.75
CA THR A 73 -6.64 -0.19 16.31
C THR A 73 -7.81 0.41 15.56
N ARG A 74 -8.64 1.19 16.27
CA ARG A 74 -9.83 1.78 15.66
C ARG A 74 -9.42 2.85 14.65
N PHE A 75 -8.19 3.33 14.80
CA PHE A 75 -7.65 4.37 13.93
C PHE A 75 -7.26 3.82 12.56
N ALA A 76 -7.19 2.49 12.45
CA ALA A 76 -6.98 1.88 11.15
C ALA A 76 -8.14 2.18 10.22
N ASP A 77 -9.29 2.53 10.80
CA ASP A 77 -10.48 2.85 10.03
C ASP A 77 -10.37 4.20 9.33
N LEU A 78 -9.20 4.83 9.42
CA LEU A 78 -8.95 6.08 8.73
C LEU A 78 -8.24 5.83 7.41
N THR A 79 -7.80 4.58 7.22
CA THR A 79 -7.04 4.19 6.05
C THR A 79 -7.96 3.53 5.04
N ARG A 80 -7.43 3.30 3.85
CA ARG A 80 -8.23 2.78 2.76
C ARG A 80 -8.67 1.34 2.93
N MET A 81 -7.84 0.53 3.56
CA MET A 81 -8.20 -0.86 3.83
C MET A 81 -7.83 -1.17 5.28
N PRO A 82 -8.77 -0.91 6.20
CA PRO A 82 -8.58 -0.99 7.65
C PRO A 82 -8.08 -2.35 8.13
N ALA A 83 -8.59 -3.43 7.56
CA ALA A 83 -8.19 -4.77 7.99
C ALA A 83 -6.69 -5.04 7.79
N LEU A 84 -6.16 -4.74 6.60
CA LEU A 84 -4.71 -4.88 6.37
C LEU A 84 -3.90 -3.97 7.27
N THR A 85 -4.37 -2.74 7.45
CA THR A 85 -3.69 -1.77 8.29
C THR A 85 -3.52 -2.28 9.72
N LYS A 86 -4.59 -2.85 10.26
CA LYS A 86 -4.57 -3.44 11.60
C LYS A 86 -3.54 -4.57 11.68
N GLY A 87 -3.50 -5.39 10.63
CA GLY A 87 -2.55 -6.48 10.56
C GLY A 87 -1.11 -5.97 10.50
N LEU A 88 -0.90 -4.91 9.74
CA LEU A 88 0.46 -4.37 9.62
C LEU A 88 0.86 -3.64 10.90
N ILE A 89 -0.13 -3.08 11.59
CA ILE A 89 0.14 -2.48 12.89
C ILE A 89 0.63 -3.56 13.84
N ALA A 90 -0.08 -4.68 13.88
CA ALA A 90 0.33 -5.78 14.74
C ALA A 90 1.72 -6.27 14.34
N LEU A 91 2.00 -6.36 13.04
CA LEU A 91 3.32 -6.78 12.57
C LEU A 91 4.42 -5.87 13.10
N ASP A 92 4.14 -4.58 13.18
CA ASP A 92 5.12 -3.56 13.60
C ASP A 92 5.45 -3.58 15.11
N ILE A 93 4.49 -3.95 15.95
CA ILE A 93 4.68 -3.84 17.40
C ILE A 93 4.74 -5.20 18.12
N GLU A 94 4.64 -6.29 17.35
CA GLU A 94 4.69 -7.63 17.93
C GLU A 94 5.50 -8.59 17.08
N LYS A 95 6.44 -9.28 17.71
CA LYS A 95 7.15 -10.36 17.04
C LYS A 95 6.22 -11.57 17.04
N ALA A 96 5.91 -12.11 15.86
CA ALA A 96 5.02 -13.28 15.77
C ALA A 96 5.13 -14.00 14.42
N ASP A 97 4.63 -15.23 14.39
CA ASP A 97 4.61 -16.03 13.16
C ASP A 97 3.36 -15.77 12.33
N LEU A 98 2.26 -15.41 13.01
CA LEU A 98 0.96 -15.23 12.35
C LEU A 98 0.21 -14.04 12.93
N TYR A 99 -0.37 -13.26 12.04
CA TYR A 99 -1.17 -12.10 12.42
C TYR A 99 -2.54 -12.29 11.83
N ILE A 100 -3.56 -12.23 12.68
CA ILE A 100 -4.93 -12.32 12.20
C ILE A 100 -5.65 -11.03 12.52
N ALA A 101 -6.14 -10.36 11.49
CA ALA A 101 -6.78 -9.06 11.69
C ALA A 101 -8.17 -9.06 11.08
N ARG A 102 -9.10 -8.43 11.78
CA ARG A 102 -10.47 -8.29 11.29
C ARG A 102 -10.94 -6.85 11.47
N GLY A 103 -11.49 -6.29 10.39
CA GLY A 103 -12.01 -4.93 10.41
C GLY A 103 -12.66 -4.66 9.06
N ARG A 104 -12.88 -3.38 8.75
CA ARG A 104 -13.51 -3.02 7.48
C ARG A 104 -12.61 -3.32 6.28
N LEU A 105 -13.26 -3.70 5.17
CA LEU A 105 -12.60 -4.03 3.91
C LEU A 105 -11.93 -2.81 3.32
N GLY A 106 -12.76 -1.81 3.00
CA GLY A 106 -12.28 -0.63 2.32
C GLY A 106 -12.96 0.63 2.78
N ALA A 107 -13.65 1.28 1.85
CA ALA A 107 -14.37 2.50 2.18
C ALA A 107 -15.50 2.19 3.15
N PRO A 108 -15.94 3.19 3.90
CA PRO A 108 -17.15 3.03 4.71
C PRO A 108 -18.29 2.47 3.86
N GLY A 109 -18.87 1.37 4.32
CA GLY A 109 -19.95 0.71 3.60
C GLY A 109 -19.50 -0.58 2.92
N SER A 110 -18.19 -0.82 2.86
CA SER A 110 -17.70 -1.96 2.10
C SER A 110 -17.79 -3.30 2.87
N GLY A 111 -18.22 -3.25 4.12
CA GLY A 111 -18.33 -4.45 4.95
C GLY A 111 -17.00 -4.87 5.53
N SER A 112 -16.92 -6.12 6.00
CA SER A 112 -15.76 -6.54 6.77
C SER A 112 -14.86 -7.59 6.09
N MET A 113 -13.59 -7.55 6.48
CA MET A 113 -12.60 -8.52 6.02
C MET A 113 -11.91 -9.13 7.23
N LEU A 114 -11.73 -10.44 7.20
CA LEU A 114 -10.84 -11.07 8.16
C LEU A 114 -9.64 -11.51 7.33
N VAL A 115 -8.43 -11.17 7.78
CA VAL A 115 -7.23 -11.47 6.99
C VAL A 115 -6.18 -12.18 7.85
N ILE A 116 -5.37 -13.04 7.23
CA ILE A 116 -4.28 -13.72 7.92
C ILE A 116 -2.95 -13.41 7.24
N LEU A 117 -1.97 -12.92 8.00
CA LEU A 117 -0.66 -12.58 7.45
C LEU A 117 0.47 -13.37 8.10
N ASP A 118 1.54 -13.61 7.35
CA ASP A 118 2.71 -14.29 7.91
C ASP A 118 3.66 -13.29 8.57
N GLU A 119 4.86 -13.75 8.92
CA GLU A 119 5.79 -12.92 9.68
C GLU A 119 6.35 -11.74 8.88
N LYS A 120 6.12 -11.75 7.56
CA LYS A 120 6.56 -10.65 6.71
C LYS A 120 5.40 -9.84 6.16
N GLY A 121 4.19 -10.08 6.65
CA GLY A 121 3.04 -9.30 6.22
C GLY A 121 2.44 -9.75 4.90
N ARG A 122 2.81 -10.96 4.46
CA ARG A 122 2.20 -11.50 3.25
C ARG A 122 0.77 -11.93 3.55
N VAL A 123 -0.12 -11.75 2.57
CA VAL A 123 -1.49 -12.20 2.69
C VAL A 123 -1.57 -13.67 2.29
N LEU A 124 -1.78 -14.54 3.28
CA LEU A 124 -1.86 -15.99 3.06
C LEU A 124 -3.27 -16.36 2.64
N THR A 125 -4.24 -15.78 3.33
CA THR A 125 -5.65 -16.05 3.06
C THR A 125 -6.47 -14.95 3.72
N ALA A 126 -7.75 -14.88 3.34
CA ALA A 126 -8.65 -13.88 3.90
C ALA A 126 -10.09 -14.31 3.66
N SER A 127 -11.03 -13.64 4.31
CA SER A 127 -12.44 -13.86 4.02
C SER A 127 -13.21 -12.56 4.24
N LEU A 128 -14.36 -12.47 3.59
CA LEU A 128 -15.18 -11.26 3.65
C LEU A 128 -16.57 -11.56 4.18
N SER A 129 -17.24 -10.53 4.68
CA SER A 129 -18.61 -10.66 5.12
C SER A 129 -19.41 -9.49 4.60
N PRO A 130 -20.70 -9.71 4.35
CA PRO A 130 -21.58 -8.64 3.87
C PRO A 130 -21.70 -7.52 4.89
N SER A 131 -22.09 -6.34 4.44
CA SER A 131 -22.34 -5.24 5.36
C SER A 131 -23.45 -5.59 6.34
N SER A 132 -23.29 -5.15 7.58
CA SER A 132 -24.30 -5.40 8.60
C SER A 132 -25.57 -4.58 8.33
N VAL A 133 -25.43 -3.51 7.54
CA VAL A 133 -26.59 -2.74 7.11
C VAL A 133 -27.51 -3.62 6.27
N ILE A 134 -26.89 -4.39 5.38
CA ILE A 134 -27.60 -5.28 4.48
C ILE A 134 -27.94 -6.61 5.15
N HIS A 135 -27.01 -7.12 5.96
CA HIS A 135 -27.22 -8.42 6.61
C HIS A 135 -26.58 -8.43 8.01
N LYS A 136 -27.41 -8.19 9.02
CA LYS A 136 -26.99 -8.22 10.42
C LYS A 136 -26.85 -9.67 10.88
N GLU A 137 -25.89 -9.92 11.76
CA GLU A 137 -25.63 -11.27 12.25
C GLU A 137 -24.86 -11.24 13.56
N ASP A 138 -25.14 -12.21 14.44
CA ASP A 138 -24.35 -12.39 15.65
C ASP A 138 -22.87 -12.43 15.28
N ILE A 139 -22.09 -11.56 15.90
CA ILE A 139 -20.69 -11.33 15.52
C ILE A 139 -19.81 -12.53 15.90
N GLU A 140 -20.28 -13.30 16.87
CA GLU A 140 -19.58 -14.51 17.27
C GLU A 140 -19.71 -15.59 16.20
N GLU A 141 -20.88 -15.68 15.59
CA GLU A 141 -21.08 -16.65 14.52
C GLU A 141 -20.44 -16.14 13.21
N ARG A 142 -20.51 -14.84 12.98
CA ARG A 142 -19.92 -14.28 11.77
C ARG A 142 -18.40 -14.49 11.73
N ILE A 143 -17.72 -14.18 12.82
CA ILE A 143 -16.27 -14.36 12.85
C ILE A 143 -15.94 -15.84 12.75
N LYS A 144 -16.71 -16.66 13.45
CA LYS A 144 -16.56 -18.10 13.39
C LYS A 144 -16.63 -18.61 11.94
N LYS A 145 -17.57 -18.07 11.17
CA LYS A 145 -17.72 -18.46 9.77
C LYS A 145 -16.60 -17.89 8.87
N GLU A 146 -16.19 -16.66 9.15
CA GLU A 146 -15.11 -16.02 8.39
C GLU A 146 -13.81 -16.80 8.53
N LEU A 147 -13.47 -17.14 9.78
CA LEU A 147 -12.23 -17.85 10.07
C LEU A 147 -12.27 -19.21 9.39
N ILE A 148 -13.43 -19.85 9.45
CA ILE A 148 -13.60 -21.16 8.85
C ILE A 148 -13.39 -21.08 7.35
N GLU A 149 -13.90 -20.03 6.71
CA GLU A 149 -13.72 -19.91 5.27
C GLU A 149 -12.28 -19.63 4.91
N ALA A 150 -11.65 -18.74 5.67
CA ALA A 150 -10.28 -18.35 5.43
C ALA A 150 -9.34 -19.54 5.56
N LEU A 151 -9.65 -20.44 6.48
CA LEU A 151 -8.85 -21.63 6.66
C LEU A 151 -9.16 -22.69 5.60
N SER A 152 -10.44 -22.88 5.29
CA SER A 152 -10.83 -23.94 4.36
C SER A 152 -10.44 -23.59 2.91
N ARG A 153 -10.40 -22.30 2.59
CA ARG A 153 -10.08 -21.92 1.22
C ARG A 153 -8.60 -22.18 0.89
N ILE A 154 -7.75 -22.36 1.89
CA ILE A 154 -6.36 -22.76 1.65
C ILE A 154 -6.07 -24.19 2.09
N GLY A 155 -7.13 -24.95 2.35
CA GLY A 155 -7.01 -26.36 2.61
C GLY A 155 -6.86 -26.77 4.07
N ILE A 156 -7.32 -25.91 4.98
CA ILE A 156 -7.30 -26.26 6.39
C ILE A 156 -8.73 -26.38 6.90
N SER A 157 -9.12 -27.59 7.31
CA SER A 157 -10.49 -27.82 7.78
C SER A 157 -10.57 -27.92 9.30
N ILE A 158 -11.58 -27.27 9.87
CA ILE A 158 -11.76 -27.23 11.32
C ILE A 158 -12.89 -28.14 11.77
N VAL B 2 -23.61 15.01 0.58
CA VAL B 2 -24.08 13.88 -0.21
C VAL B 2 -22.94 13.31 -1.06
N VAL B 3 -21.89 14.10 -1.22
CA VAL B 3 -20.74 13.60 -1.96
C VAL B 3 -20.00 12.60 -1.08
N MET B 4 -19.32 11.64 -1.71
CA MET B 4 -18.62 10.58 -1.01
C MET B 4 -17.66 11.12 0.04
N GLU B 5 -16.96 12.19 -0.32
CA GLU B 5 -15.94 12.75 0.56
C GLU B 5 -16.50 13.18 1.91
N GLU B 6 -17.73 13.66 1.89
CA GLU B 6 -18.33 14.18 3.12
C GLU B 6 -18.82 13.03 4.01
N ILE B 7 -19.28 11.95 3.39
CA ILE B 7 -19.74 10.77 4.12
C ILE B 7 -18.59 10.02 4.81
N ILE B 8 -17.48 9.90 4.10
CA ILE B 8 -16.30 9.22 4.63
C ILE B 8 -15.70 10.04 5.76
N LYS B 9 -15.76 11.37 5.60
CA LYS B 9 -15.31 12.29 6.62
C LYS B 9 -15.99 12.02 7.95
N LYS B 10 -17.31 11.99 7.90
CA LYS B 10 -18.12 11.73 9.09
C LYS B 10 -17.82 10.35 9.67
N ALA B 11 -17.60 9.35 8.80
CA ALA B 11 -17.26 8.02 9.28
C ALA B 11 -15.91 8.04 9.98
N PHE B 12 -14.97 8.80 9.40
CA PHE B 12 -13.63 8.94 9.98
C PHE B 12 -13.71 9.66 11.32
N ILE B 13 -14.64 10.61 11.43
CA ILE B 13 -14.84 11.34 12.68
C ILE B 13 -15.38 10.41 13.77
N GLU B 14 -16.28 9.49 13.40
CA GLU B 14 -16.78 8.52 14.37
C GLU B 14 -15.67 7.65 14.94
N SER B 15 -14.72 7.27 14.08
CA SER B 15 -13.62 6.44 14.54
C SER B 15 -12.68 7.25 15.40
N ILE B 16 -12.43 8.50 15.01
CA ILE B 16 -11.56 9.36 15.81
C ILE B 16 -12.13 9.56 17.20
N ASN B 17 -13.44 9.77 17.28
CA ASN B 17 -14.03 10.03 18.59
C ASN B 17 -14.61 8.77 19.23
N ASN B 18 -14.24 7.62 18.69
CA ASN B 18 -14.57 6.31 19.28
C ASN B 18 -16.07 6.12 19.49
N ILE B 19 -16.87 6.53 18.51
CA ILE B 19 -18.30 6.25 18.54
C ILE B 19 -18.68 5.47 17.31
N ARG B 20 -17.67 5.09 16.52
CA ARG B 20 -17.92 4.33 15.31
C ARG B 20 -18.40 2.94 15.70
N ARG B 21 -19.64 2.64 15.34
CA ARG B 21 -20.20 1.32 15.59
C ARG B 21 -20.76 0.76 14.29
N GLY B 22 -19.86 0.29 13.44
CA GLY B 22 -20.19 -0.33 12.18
C GLY B 22 -20.57 0.63 11.06
N ASP B 23 -20.80 0.06 9.87
CA ASP B 23 -21.11 0.82 8.68
C ASP B 23 -22.48 1.47 8.76
N LYS B 24 -22.64 2.56 8.01
CA LYS B 24 -23.89 3.29 8.00
C LYS B 24 -24.72 3.05 6.74
N GLU B 25 -26.01 3.32 6.88
CA GLU B 25 -26.98 3.21 5.82
C GLU B 25 -26.63 4.16 4.67
N GLU B 26 -26.27 5.37 5.03
CA GLU B 26 -25.89 6.41 4.08
C GLU B 26 -24.65 6.00 3.29
N GLU B 27 -23.74 5.31 3.96
CA GLU B 27 -22.51 4.82 3.34
C GLU B 27 -22.84 3.76 2.28
N LEU B 28 -23.77 2.87 2.60
CA LEU B 28 -24.16 1.81 1.68
C LEU B 28 -24.86 2.37 0.46
N LYS B 29 -25.66 3.41 0.64
CA LYS B 29 -26.40 3.99 -0.47
C LYS B 29 -25.44 4.65 -1.46
N LYS B 30 -24.37 5.25 -0.94
CA LYS B 30 -23.43 5.94 -1.79
C LYS B 30 -22.70 4.94 -2.66
N ILE B 31 -22.26 3.84 -2.05
CA ILE B 31 -21.61 2.79 -2.80
C ILE B 31 -22.54 2.20 -3.84
N GLN B 32 -23.81 1.98 -3.47
CA GLN B 32 -24.80 1.51 -4.43
C GLN B 32 -24.94 2.50 -5.57
N GLU B 33 -25.00 3.78 -5.22
CA GLU B 33 -25.15 4.83 -6.21
C GLU B 33 -24.00 4.85 -7.19
N LYS B 34 -22.79 4.72 -6.65
CA LYS B 34 -21.59 4.77 -7.50
C LYS B 34 -21.58 3.64 -8.52
N ILE B 35 -21.95 2.45 -8.07
CA ILE B 35 -21.93 1.29 -8.95
C ILE B 35 -23.11 1.33 -9.92
N VAL B 36 -24.30 1.62 -9.40
CA VAL B 36 -25.52 1.63 -10.21
C VAL B 36 -25.47 2.72 -11.27
N ASN B 37 -25.07 3.93 -10.88
CA ASN B 37 -25.05 5.05 -11.80
C ASN B 37 -23.77 5.15 -12.62
N ALA B 38 -22.93 4.12 -12.57
CA ALA B 38 -21.67 4.16 -13.30
C ALA B 38 -21.92 4.23 -14.79
N LYS B 39 -21.17 5.08 -15.47
CA LYS B 39 -21.36 5.32 -16.89
C LYS B 39 -20.19 4.79 -17.70
N LYS B 40 -19.03 4.67 -17.05
CA LYS B 40 -17.83 4.14 -17.69
C LYS B 40 -17.18 3.13 -16.76
N ILE B 41 -16.95 1.91 -17.26
CA ILE B 41 -16.31 0.88 -16.46
C ILE B 41 -15.08 0.32 -17.17
N VAL B 42 -13.97 0.19 -16.44
CA VAL B 42 -12.78 -0.45 -16.99
C VAL B 42 -12.55 -1.76 -16.25
N VAL B 43 -12.41 -2.84 -17.01
CA VAL B 43 -12.09 -4.13 -16.43
C VAL B 43 -10.60 -4.43 -16.63
N ALA B 44 -9.88 -4.53 -15.52
CA ALA B 44 -8.43 -4.71 -15.57
C ALA B 44 -8.07 -6.16 -15.86
N THR B 45 -8.28 -6.59 -17.10
CA THR B 45 -7.91 -7.94 -17.51
C THR B 45 -7.56 -7.92 -18.98
N ASN B 46 -6.95 -9.00 -19.45
CA ASN B 46 -6.70 -9.18 -20.87
C ASN B 46 -7.40 -10.43 -21.40
N ASN B 47 -7.92 -11.22 -20.47
CA ASN B 47 -8.67 -12.40 -20.85
C ASN B 47 -10.05 -12.01 -21.36
N GLN B 48 -10.29 -12.22 -22.64
CA GLN B 48 -11.53 -11.80 -23.29
C GLN B 48 -12.73 -12.60 -22.79
N LYS B 49 -12.54 -13.87 -22.43
CA LYS B 49 -13.62 -14.64 -21.82
C LYS B 49 -14.07 -14.01 -20.52
N LYS B 50 -13.11 -13.80 -19.63
CA LYS B 50 -13.39 -13.24 -18.31
C LYS B 50 -14.04 -11.86 -18.44
N PHE B 51 -13.59 -11.09 -19.42
CA PHE B 51 -14.16 -9.78 -19.68
C PHE B 51 -15.61 -9.92 -20.10
N LYS B 52 -15.89 -10.90 -20.97
CA LYS B 52 -17.25 -11.13 -21.44
C LYS B 52 -18.20 -11.33 -20.26
N VAL B 53 -17.83 -12.23 -19.35
CA VAL B 53 -18.68 -12.56 -18.19
C VAL B 53 -18.95 -11.34 -17.33
N ILE B 54 -17.89 -10.60 -16.97
CA ILE B 54 -18.00 -9.40 -16.15
C ILE B 54 -18.84 -8.32 -16.85
N ARG B 55 -18.62 -8.14 -18.15
CA ARG B 55 -19.36 -7.15 -18.93
C ARG B 55 -20.86 -7.45 -18.94
N ASP B 56 -21.20 -8.69 -19.24
CA ASP B 56 -22.59 -9.12 -19.32
C ASP B 56 -23.34 -8.93 -18.01
N ILE B 57 -22.68 -9.24 -16.90
CA ILE B 57 -23.27 -9.08 -15.57
C ILE B 57 -23.52 -7.61 -15.26
N MET B 58 -22.49 -6.77 -15.47
CA MET B 58 -22.57 -5.36 -15.07
C MET B 58 -23.53 -4.58 -15.93
N LEU B 59 -23.81 -5.09 -17.12
CA LEU B 59 -24.77 -4.44 -17.99
C LEU B 59 -26.19 -4.62 -17.44
N ARG B 60 -26.35 -5.57 -16.53
CA ARG B 60 -27.65 -5.80 -15.90
C ARG B 60 -27.87 -4.83 -14.74
N VAL B 61 -26.82 -4.14 -14.31
CA VAL B 61 -26.94 -3.20 -13.19
C VAL B 61 -26.63 -1.77 -13.63
N CYS B 62 -25.94 -1.60 -14.76
CA CYS B 62 -25.63 -0.25 -15.24
C CYS B 62 -25.78 -0.08 -16.74
N ASN B 63 -26.08 1.14 -17.14
CA ASN B 63 -26.07 1.52 -18.55
C ASN B 63 -24.76 2.22 -18.81
N ALA B 64 -23.70 1.43 -18.89
CA ALA B 64 -22.37 2.00 -18.94
C ALA B 64 -21.56 1.46 -20.11
N GLU B 65 -20.71 2.32 -20.67
CA GLU B 65 -19.70 1.87 -21.60
C GLU B 65 -18.68 1.04 -20.83
N ILE B 66 -18.47 -0.20 -21.25
CA ILE B 66 -17.62 -1.12 -20.49
C ILE B 66 -16.40 -1.56 -21.31
N LYS B 67 -15.21 -1.33 -20.77
CA LYS B 67 -13.97 -1.50 -21.50
C LYS B 67 -12.99 -2.45 -20.78
N MET B 68 -12.19 -3.12 -21.59
CA MET B 68 -11.14 -4.03 -21.14
C MET B 68 -9.79 -3.30 -21.19
N LEU B 69 -8.79 -3.78 -20.44
CA LEU B 69 -7.49 -3.11 -20.44
C LEU B 69 -6.62 -3.46 -21.63
N ASP B 70 -6.01 -2.44 -22.23
CA ASP B 70 -5.12 -2.57 -23.39
C ASP B 70 -3.81 -3.32 -23.09
N ILE B 71 -3.42 -3.34 -21.81
CA ILE B 71 -2.10 -3.86 -21.43
C ILE B 71 -2.17 -5.12 -20.58
N ASP B 72 -1.04 -5.84 -20.54
CA ASP B 72 -0.93 -7.10 -19.82
C ASP B 72 -0.68 -6.87 -18.34
N THR B 73 -1.58 -7.36 -17.50
CA THR B 73 -1.48 -7.12 -16.07
C THR B 73 -0.91 -8.31 -15.30
N ARG B 74 -0.25 -9.22 -16.01
CA ARG B 74 0.34 -10.40 -15.39
C ARG B 74 1.52 -10.03 -14.50
N PHE B 75 2.05 -8.84 -14.73
CA PHE B 75 3.18 -8.34 -13.97
C PHE B 75 2.74 -7.87 -12.59
N ALA B 76 1.44 -7.68 -12.42
CA ALA B 76 0.88 -7.36 -11.12
C ALA B 76 1.10 -8.51 -10.15
N ASP B 77 1.32 -9.69 -10.71
CA ASP B 77 1.51 -10.89 -9.90
C ASP B 77 2.87 -10.93 -9.21
N LEU B 78 3.64 -9.87 -9.36
CA LEU B 78 4.91 -9.75 -8.63
C LEU B 78 4.69 -8.95 -7.36
N THR B 79 3.49 -8.40 -7.20
CA THR B 79 3.23 -7.55 -6.05
C THR B 79 2.56 -8.33 -4.93
N ARG B 80 2.42 -7.67 -3.78
CA ARG B 80 1.91 -8.33 -2.59
C ARG B 80 0.43 -8.69 -2.75
N MET B 81 -0.31 -7.81 -3.43
CA MET B 81 -1.73 -8.05 -3.72
C MET B 81 -2.03 -7.70 -5.18
N PRO B 82 -1.86 -8.68 -6.07
CA PRO B 82 -1.95 -8.51 -7.53
C PRO B 82 -3.30 -7.96 -8.01
N ALA B 83 -4.40 -8.45 -7.46
CA ALA B 83 -5.72 -8.02 -7.91
C ALA B 83 -5.88 -6.53 -7.73
N LEU B 84 -5.51 -6.03 -6.55
CA LEU B 84 -5.56 -4.60 -6.28
C LEU B 84 -4.64 -3.82 -7.21
N THR B 85 -3.44 -4.36 -7.45
CA THR B 85 -2.46 -3.70 -8.31
C THR B 85 -3.01 -3.47 -9.70
N LYS B 86 -3.69 -4.48 -10.23
CA LYS B 86 -4.34 -4.40 -11.54
C LYS B 86 -5.37 -3.28 -11.61
N GLY B 87 -6.15 -3.13 -10.55
CA GLY B 87 -7.13 -2.07 -10.48
C GLY B 87 -6.47 -0.71 -10.47
N LEU B 88 -5.38 -0.59 -9.72
CA LEU B 88 -4.69 0.69 -9.60
C LEU B 88 -3.93 1.00 -10.90
N ILE B 89 -3.52 -0.03 -11.62
CA ILE B 89 -2.94 0.17 -12.95
C ILE B 89 -4.01 0.74 -13.90
N ALA B 90 -5.20 0.14 -13.87
CA ALA B 90 -6.31 0.60 -14.71
C ALA B 90 -6.72 2.02 -14.34
N LEU B 91 -6.76 2.29 -13.05
CA LEU B 91 -7.07 3.61 -12.53
C LEU B 91 -6.08 4.63 -13.08
N ASP B 92 -4.82 4.22 -13.19
CA ASP B 92 -3.74 5.10 -13.62
C ASP B 92 -3.74 5.45 -15.12
N ILE B 93 -4.19 4.52 -15.96
CA ILE B 93 -4.10 4.74 -17.41
C ILE B 93 -5.45 4.85 -18.11
N GLU B 94 -6.54 4.78 -17.36
CA GLU B 94 -7.86 4.92 -17.94
C GLU B 94 -8.78 5.75 -17.08
N LYS B 95 -9.42 6.75 -17.68
CA LYS B 95 -10.45 7.51 -16.99
C LYS B 95 -11.76 6.71 -16.98
N ALA B 96 -12.29 6.47 -15.78
CA ALA B 96 -13.53 5.74 -15.64
C ALA B 96 -14.19 6.02 -14.29
N ASP B 97 -15.48 5.68 -14.19
CA ASP B 97 -16.22 5.87 -12.94
C ASP B 97 -16.00 4.72 -12.01
N LEU B 98 -15.78 3.55 -12.59
CA LEU B 98 -15.69 2.30 -11.85
C LEU B 98 -14.65 1.38 -12.46
N TYR B 99 -13.87 0.74 -11.61
CA TYR B 99 -12.81 -0.18 -12.02
C TYR B 99 -13.03 -1.56 -11.42
N ILE B 100 -13.05 -2.58 -12.27
CA ILE B 100 -13.21 -3.96 -11.81
C ILE B 100 -11.98 -4.78 -12.16
N ALA B 101 -11.35 -5.37 -11.14
CA ALA B 101 -10.13 -6.13 -11.34
C ALA B 101 -10.25 -7.52 -10.71
N ARG B 102 -9.67 -8.52 -11.37
CA ARG B 102 -9.65 -9.87 -10.84
C ARG B 102 -8.24 -10.46 -10.94
N GLY B 103 -7.76 -11.04 -9.85
CA GLY B 103 -6.44 -11.63 -9.82
C GLY B 103 -6.16 -12.34 -8.50
N ARG B 104 -4.88 -12.59 -8.22
CA ARG B 104 -4.49 -13.26 -6.99
C ARG B 104 -4.80 -12.35 -5.79
N LEU B 105 -5.17 -12.97 -4.67
CA LEU B 105 -5.47 -12.24 -3.43
C LEU B 105 -4.22 -11.57 -2.88
N GLY B 106 -3.27 -12.43 -2.51
CA GLY B 106 -2.05 -12.04 -1.85
C GLY B 106 -0.90 -12.89 -2.36
N ALA B 107 -0.30 -13.67 -1.47
CA ALA B 107 0.79 -14.56 -1.84
C ALA B 107 0.29 -15.66 -2.76
N PRO B 108 1.20 -16.27 -3.53
CA PRO B 108 0.88 -17.48 -4.30
C PRO B 108 0.21 -18.56 -3.45
N GLY B 109 -0.97 -19.01 -3.86
CA GLY B 109 -1.70 -20.02 -3.12
C GLY B 109 -2.89 -19.44 -2.38
N SER B 110 -2.97 -18.11 -2.33
CA SER B 110 -3.99 -17.43 -1.52
C SER B 110 -5.34 -17.39 -2.24
N GLY B 111 -5.39 -17.94 -3.45
CA GLY B 111 -6.62 -17.94 -4.22
C GLY B 111 -6.80 -16.60 -4.94
N SER B 112 -8.03 -16.32 -5.36
CA SER B 112 -8.26 -15.15 -6.21
C SER B 112 -9.13 -14.09 -5.55
N MET B 113 -8.95 -12.84 -5.95
CA MET B 113 -9.79 -11.75 -5.47
C MET B 113 -10.36 -10.98 -6.65
N LEU B 114 -11.66 -10.66 -6.58
CA LEU B 114 -12.27 -9.71 -7.50
C LEU B 114 -12.58 -8.43 -6.73
N VAL B 115 -12.18 -7.28 -7.26
CA VAL B 115 -12.37 -6.00 -6.58
C VAL B 115 -13.07 -4.98 -7.46
N ILE B 116 -13.82 -4.07 -6.84
CA ILE B 116 -14.41 -2.96 -7.55
C ILE B 116 -13.95 -1.65 -6.91
N LEU B 117 -13.35 -0.76 -7.71
CA LEU B 117 -12.83 0.49 -7.17
C LEU B 117 -13.57 1.67 -7.80
N ASP B 118 -13.71 2.76 -7.07
CA ASP B 118 -14.32 3.95 -7.67
C ASP B 118 -13.24 4.79 -8.35
N GLU B 119 -13.59 6.00 -8.77
CA GLU B 119 -12.68 6.81 -9.57
C GLU B 119 -11.46 7.33 -8.81
N LYS B 120 -11.45 7.15 -7.49
CA LYS B 120 -10.32 7.56 -6.66
C LYS B 120 -9.59 6.35 -6.08
N GLY B 121 -9.93 5.17 -6.58
CA GLY B 121 -9.23 3.96 -6.18
C GLY B 121 -9.67 3.44 -4.83
N ARG B 122 -10.81 3.94 -4.35
CA ARG B 122 -11.35 3.42 -3.10
C ARG B 122 -11.88 2.02 -3.34
N VAL B 123 -11.73 1.17 -2.33
CA VAL B 123 -12.28 -0.18 -2.38
C VAL B 123 -13.76 -0.17 -1.97
N LEU B 124 -14.65 -0.36 -2.95
CA LEU B 124 -16.10 -0.35 -2.68
C LEU B 124 -16.59 -1.71 -2.21
N THR B 125 -16.14 -2.76 -2.88
CA THR B 125 -16.54 -4.12 -2.53
C THR B 125 -15.61 -5.11 -3.21
N ALA B 126 -15.67 -6.37 -2.78
CA ALA B 126 -14.80 -7.41 -3.32
C ALA B 126 -15.39 -8.78 -3.03
N SER B 127 -14.82 -9.80 -3.67
CA SER B 127 -15.18 -11.18 -3.39
C SER B 127 -13.97 -12.09 -3.53
N LEU B 128 -14.00 -13.24 -2.86
CA LEU B 128 -12.86 -14.15 -2.88
C LEU B 128 -13.26 -15.55 -3.37
N SER B 129 -12.30 -16.28 -3.93
CA SER B 129 -12.54 -17.67 -4.30
C SER B 129 -11.33 -18.53 -3.95
N PRO B 130 -11.57 -19.80 -3.63
CA PRO B 130 -10.45 -20.70 -3.36
C PRO B 130 -9.59 -20.92 -4.60
N SER B 131 -8.33 -21.32 -4.38
CA SER B 131 -7.46 -21.74 -5.46
C SER B 131 -8.07 -22.96 -6.13
N SER B 132 -7.90 -23.11 -7.44
CA SER B 132 -8.47 -24.24 -8.17
C SER B 132 -7.86 -25.56 -7.71
N VAL B 133 -6.71 -25.49 -7.05
CA VAL B 133 -6.09 -26.65 -6.43
C VAL B 133 -6.96 -27.21 -5.29
N ILE B 134 -7.54 -26.32 -4.51
CA ILE B 134 -8.37 -26.70 -3.37
C ILE B 134 -9.76 -27.05 -3.88
N HIS B 135 -10.24 -26.26 -4.84
CA HIS B 135 -11.55 -26.47 -5.42
C HIS B 135 -11.58 -26.08 -6.89
N LYS B 136 -11.62 -27.08 -7.77
CA LYS B 136 -11.71 -26.82 -9.20
C LYS B 136 -13.10 -26.30 -9.55
N GLU B 137 -13.14 -25.40 -10.52
CA GLU B 137 -14.40 -24.87 -11.02
C GLU B 137 -14.18 -24.21 -12.37
N ASP B 138 -15.16 -24.35 -13.26
CA ASP B 138 -15.16 -23.62 -14.52
C ASP B 138 -14.99 -22.13 -14.24
N ILE B 139 -14.01 -21.51 -14.89
CA ILE B 139 -13.63 -20.14 -14.55
C ILE B 139 -14.71 -19.12 -14.95
N GLU B 140 -15.57 -19.47 -15.89
CA GLU B 140 -16.65 -18.57 -16.28
C GLU B 140 -17.75 -18.51 -15.21
N GLU B 141 -18.05 -19.65 -14.59
CA GLU B 141 -19.05 -19.68 -13.53
C GLU B 141 -18.50 -19.11 -12.22
N ARG B 142 -17.22 -19.34 -11.98
CA ARG B 142 -16.56 -18.78 -10.80
C ARG B 142 -16.57 -17.26 -10.81
N ILE B 143 -16.21 -16.68 -11.95
CA ILE B 143 -16.15 -15.23 -12.08
C ILE B 143 -17.54 -14.62 -11.95
N LYS B 144 -18.51 -15.24 -12.59
CA LYS B 144 -19.90 -14.83 -12.44
C LYS B 144 -20.32 -14.85 -10.97
N LYS B 145 -19.88 -15.88 -10.25
CA LYS B 145 -20.18 -16.03 -8.84
C LYS B 145 -19.48 -14.96 -8.02
N GLU B 146 -18.24 -14.66 -8.40
CA GLU B 146 -17.47 -13.62 -7.72
C GLU B 146 -18.15 -12.27 -7.83
N LEU B 147 -18.53 -11.90 -9.05
CA LEU B 147 -19.15 -10.59 -9.28
C LEU B 147 -20.49 -10.48 -8.56
N ILE B 148 -21.29 -11.55 -8.63
CA ILE B 148 -22.62 -11.50 -8.02
C ILE B 148 -22.53 -11.35 -6.51
N GLU B 149 -21.58 -12.05 -5.88
CA GLU B 149 -21.39 -11.92 -4.44
C GLU B 149 -20.89 -10.52 -4.08
N ALA B 150 -19.96 -10.01 -4.87
CA ALA B 150 -19.39 -8.69 -4.63
C ALA B 150 -20.48 -7.64 -4.70
N LEU B 151 -21.43 -7.86 -5.62
CA LEU B 151 -22.54 -6.94 -5.77
C LEU B 151 -23.56 -7.18 -4.67
N SER B 152 -23.88 -8.45 -4.38
CA SER B 152 -24.97 -8.75 -3.45
C SER B 152 -24.61 -8.41 -2.00
N ARG B 153 -23.33 -8.51 -1.66
CA ARG B 153 -22.91 -8.26 -0.28
C ARG B 153 -23.05 -6.78 0.10
N ILE B 154 -23.15 -5.91 -0.90
CA ILE B 154 -23.45 -4.50 -0.65
C ILE B 154 -24.86 -4.16 -1.14
N GLY B 155 -25.67 -5.20 -1.35
CA GLY B 155 -27.09 -4.99 -1.56
C GLY B 155 -27.52 -4.74 -2.99
N ILE B 156 -26.72 -5.21 -3.93
CA ILE B 156 -27.05 -5.01 -5.34
C ILE B 156 -27.44 -6.34 -5.94
N SER B 157 -28.65 -6.36 -6.48
CA SER B 157 -29.29 -7.54 -7.00
C SER B 157 -29.09 -7.61 -8.50
N ILE B 158 -28.87 -8.81 -9.01
CA ILE B 158 -28.51 -9.00 -10.40
C ILE B 158 -29.68 -9.48 -11.26
N VAL C 2 -2.54 13.36 -24.24
CA VAL C 2 -2.14 14.57 -23.53
C VAL C 2 -2.62 14.54 -22.07
N VAL C 3 -3.68 13.78 -21.81
CA VAL C 3 -4.21 13.65 -20.47
C VAL C 3 -3.25 12.74 -19.69
N MET C 4 -3.15 12.95 -18.37
CA MET C 4 -2.20 12.22 -17.55
C MET C 4 -2.30 10.69 -17.67
N GLU C 5 -3.52 10.17 -17.71
CA GLU C 5 -3.69 8.72 -17.80
C GLU C 5 -3.08 8.20 -19.11
N GLU C 6 -3.13 9.03 -20.14
CA GLU C 6 -2.64 8.62 -21.46
C GLU C 6 -1.12 8.70 -21.55
N ILE C 7 -0.50 9.65 -20.84
CA ILE C 7 0.96 9.71 -20.79
C ILE C 7 1.50 8.53 -19.98
N ILE C 8 0.78 8.17 -18.91
CA ILE C 8 1.20 7.09 -18.04
C ILE C 8 1.07 5.75 -18.79
N LYS C 9 0.01 5.64 -19.59
CA LYS C 9 -0.18 4.47 -20.44
C LYS C 9 1.05 4.27 -21.33
N LYS C 10 1.49 5.34 -21.99
CA LYS C 10 2.67 5.27 -22.86
C LYS C 10 3.91 4.87 -22.03
N ALA C 11 4.01 5.39 -20.82
CA ALA C 11 5.12 5.07 -19.94
C ALA C 11 5.06 3.60 -19.51
N PHE C 12 3.86 3.14 -19.19
CA PHE C 12 3.64 1.75 -18.79
C PHE C 12 3.96 0.80 -19.93
N ILE C 13 3.63 1.23 -21.15
CA ILE C 13 3.90 0.42 -22.33
C ILE C 13 5.41 0.35 -22.57
N GLU C 14 6.10 1.46 -22.34
CA GLU C 14 7.55 1.49 -22.48
C GLU C 14 8.21 0.52 -21.51
N SER C 15 7.69 0.46 -20.30
CA SER C 15 8.26 -0.42 -19.28
C SER C 15 7.94 -1.89 -19.56
N ILE C 16 6.71 -2.18 -19.99
CA ILE C 16 6.31 -3.55 -20.30
C ILE C 16 7.14 -4.17 -21.42
N ASN C 17 7.35 -3.44 -22.50
CA ASN C 17 8.10 -3.97 -23.64
C ASN C 17 9.55 -3.53 -23.62
N ASN C 18 9.99 -3.06 -22.46
CA ASN C 18 11.40 -2.74 -22.20
C ASN C 18 11.98 -1.69 -23.16
N ILE C 19 11.28 -0.58 -23.33
CA ILE C 19 11.80 0.57 -24.06
C ILE C 19 11.91 1.75 -23.12
N ARG C 20 11.59 1.50 -21.85
CA ARG C 20 11.65 2.56 -20.85
C ARG C 20 13.10 2.91 -20.55
N ARG C 21 13.47 4.15 -20.86
CA ARG C 21 14.81 4.61 -20.56
C ARG C 21 14.71 5.95 -19.84
N GLY C 22 14.34 5.89 -18.56
CA GLY C 22 14.24 7.08 -17.74
C GLY C 22 12.98 7.89 -18.04
N ASP C 23 12.77 8.95 -17.27
CA ASP C 23 11.60 9.80 -17.46
C ASP C 23 11.70 10.61 -18.75
N LYS C 24 10.56 10.97 -19.33
CA LYS C 24 10.54 11.76 -20.56
C LYS C 24 10.14 13.21 -20.29
N GLU C 25 10.46 14.08 -21.24
CA GLU C 25 10.21 15.51 -21.11
C GLU C 25 8.73 15.84 -20.91
N GLU C 26 7.88 15.19 -21.70
CA GLU C 26 6.43 15.41 -21.63
C GLU C 26 5.85 15.07 -20.27
N GLU C 27 6.40 14.05 -19.63
CA GLU C 27 5.91 13.65 -18.31
C GLU C 27 6.12 14.74 -17.27
N LEU C 28 7.28 15.37 -17.32
CA LEU C 28 7.57 16.43 -16.37
C LEU C 28 6.72 17.68 -16.63
N LYS C 29 6.40 17.94 -17.89
CA LYS C 29 5.54 19.09 -18.21
C LYS C 29 4.14 18.87 -17.65
N LYS C 30 3.71 17.62 -17.61
CA LYS C 30 2.38 17.32 -17.10
C LYS C 30 2.30 17.54 -15.59
N ILE C 31 3.31 17.09 -14.87
CA ILE C 31 3.37 17.25 -13.42
C ILE C 31 3.41 18.75 -13.11
N GLN C 32 4.15 19.50 -13.91
CA GLN C 32 4.23 20.96 -13.80
C GLN C 32 2.87 21.61 -13.99
N GLU C 33 2.14 21.18 -15.02
CA GLU C 33 0.81 21.72 -15.30
C GLU C 33 -0.16 21.45 -14.17
N LYS C 34 -0.13 20.23 -13.63
CA LYS C 34 -1.05 19.83 -12.57
C LYS C 34 -0.84 20.70 -11.34
N ILE C 35 0.42 20.98 -11.04
CA ILE C 35 0.76 21.78 -9.87
C ILE C 35 0.50 23.27 -10.11
N VAL C 36 0.97 23.78 -11.25
CA VAL C 36 0.82 25.21 -11.55
C VAL C 36 -0.65 25.60 -11.78
N ASN C 37 -1.35 24.80 -12.58
CA ASN C 37 -2.75 25.09 -12.92
C ASN C 37 -3.76 24.51 -11.93
N ALA C 38 -3.28 24.06 -10.78
CA ALA C 38 -4.18 23.50 -9.76
C ALA C 38 -5.13 24.59 -9.28
N LYS C 39 -6.39 24.23 -9.06
CA LYS C 39 -7.37 25.26 -8.70
C LYS C 39 -7.76 25.11 -7.24
N LYS C 40 -7.63 23.89 -6.73
CA LYS C 40 -7.95 23.60 -5.33
C LYS C 40 -6.85 22.73 -4.75
N ILE C 41 -6.27 23.16 -3.64
CA ILE C 41 -5.24 22.37 -2.99
C ILE C 41 -5.66 22.12 -1.55
N VAL C 42 -5.55 20.87 -1.10
CA VAL C 42 -5.85 20.53 0.29
C VAL C 42 -4.56 20.10 0.99
N VAL C 43 -4.26 20.72 2.12
CA VAL C 43 -3.11 20.38 2.93
C VAL C 43 -3.56 19.49 4.09
N ALA C 44 -3.03 18.28 4.15
CA ALA C 44 -3.47 17.30 5.16
C ALA C 44 -2.87 17.56 6.54
N THR C 45 -3.31 18.63 7.17
CA THR C 45 -2.84 19.00 8.51
C THR C 45 -3.90 19.77 9.27
N ASN C 46 -3.67 19.96 10.57
CA ASN C 46 -4.50 20.82 11.41
C ASN C 46 -3.67 21.94 11.99
N ASN C 47 -2.36 21.79 11.86
CA ASN C 47 -1.42 22.78 12.36
C ASN C 47 -1.40 24.01 11.47
N GLN C 48 -1.84 25.13 12.03
CA GLN C 48 -1.97 26.36 11.26
C GLN C 48 -0.60 26.91 10.89
N LYS C 49 0.40 26.69 11.74
CA LYS C 49 1.76 27.09 11.41
C LYS C 49 2.23 26.36 10.16
N LYS C 50 2.15 25.03 10.19
CA LYS C 50 2.55 24.22 9.05
C LYS C 50 1.71 24.58 7.83
N PHE C 51 0.42 24.80 8.06
CA PHE C 51 -0.46 25.17 6.96
C PHE C 51 -0.06 26.51 6.37
N LYS C 52 0.27 27.48 7.22
CA LYS C 52 0.67 28.81 6.76
C LYS C 52 1.84 28.72 5.77
N VAL C 53 2.91 28.04 6.18
CA VAL C 53 4.12 27.93 5.38
C VAL C 53 3.84 27.30 4.03
N ILE C 54 3.13 26.18 4.04
CA ILE C 54 2.81 25.48 2.80
C ILE C 54 1.95 26.37 1.90
N ARG C 55 0.95 27.00 2.50
CA ARG C 55 0.05 27.88 1.76
C ARG C 55 0.83 29.08 1.20
N ASP C 56 1.68 29.67 2.04
CA ASP C 56 2.46 30.83 1.64
C ASP C 56 3.32 30.50 0.43
N ILE C 57 3.95 29.32 0.46
CA ILE C 57 4.81 28.88 -0.63
C ILE C 57 4.04 28.64 -1.92
N MET C 58 2.93 27.91 -1.85
CA MET C 58 2.23 27.51 -3.06
C MET C 58 1.60 28.71 -3.75
N LEU C 59 1.40 29.79 -3.02
CA LEU C 59 0.82 30.99 -3.60
C LEU C 59 1.80 31.71 -4.54
N ARG C 60 3.09 31.40 -4.43
CA ARG C 60 4.09 31.96 -5.36
C ARG C 60 4.18 31.17 -6.65
N VAL C 61 3.61 29.97 -6.70
CA VAL C 61 3.71 29.13 -7.89
C VAL C 61 2.36 28.85 -8.53
N CYS C 62 1.28 29.04 -7.78
CA CYS C 62 -0.04 28.84 -8.34
C CYS C 62 -1.09 29.78 -7.75
N ASN C 63 -2.15 30.00 -8.51
CA ASN C 63 -3.33 30.72 -8.01
C ASN C 63 -4.45 29.75 -7.63
N ALA C 64 -4.32 29.12 -6.47
CA ALA C 64 -5.25 28.06 -6.09
C ALA C 64 -5.91 28.33 -4.74
N GLU C 65 -7.14 27.85 -4.61
CA GLU C 65 -7.79 27.80 -3.31
C GLU C 65 -7.04 26.78 -2.46
N ILE C 66 -6.52 27.21 -1.33
CA ILE C 66 -5.69 26.32 -0.51
C ILE C 66 -6.31 26.12 0.86
N LYS C 67 -6.61 24.87 1.22
CA LYS C 67 -7.39 24.59 2.41
C LYS C 67 -6.70 23.62 3.37
N MET C 68 -7.03 23.76 4.65
CA MET C 68 -6.52 22.91 5.71
C MET C 68 -7.55 21.83 6.03
N LEU C 69 -7.12 20.74 6.66
CA LEU C 69 -7.98 19.60 7.02
C LEU C 69 -8.81 19.78 8.28
N ASP C 70 -10.08 19.39 8.21
CA ASP C 70 -10.99 19.46 9.36
C ASP C 70 -10.62 18.52 10.49
N ILE C 71 -9.90 17.44 10.18
CA ILE C 71 -9.62 16.39 11.18
C ILE C 71 -8.13 16.17 11.48
N ASP C 72 -7.85 15.53 12.62
CA ASP C 72 -6.46 15.29 13.03
C ASP C 72 -5.89 14.04 12.37
N THR C 73 -4.81 14.22 11.62
CA THR C 73 -4.20 13.13 10.86
C THR C 73 -2.98 12.56 11.55
N ARG C 74 -2.85 12.80 12.85
CA ARG C 74 -1.69 12.31 13.59
C ARG C 74 -1.76 10.79 13.70
N PHE C 75 -2.96 10.24 13.52
CA PHE C 75 -3.17 8.80 13.65
C PHE C 75 -2.59 8.05 12.45
N ALA C 76 -2.26 8.80 11.40
CA ALA C 76 -1.56 8.25 10.26
C ALA C 76 -0.19 7.72 10.70
N ASP C 77 0.26 8.17 11.86
CA ASP C 77 1.54 7.73 12.41
C ASP C 77 1.49 6.28 12.89
N LEU C 78 0.35 5.62 12.72
CA LEU C 78 0.23 4.21 13.12
C LEU C 78 0.49 3.33 11.89
N THR C 79 0.61 3.95 10.72
CA THR C 79 0.81 3.19 9.50
C THR C 79 2.29 3.15 9.16
N ARG C 80 2.63 2.36 8.14
CA ARG C 80 4.02 2.15 7.75
C ARG C 80 4.65 3.38 7.11
N MET C 81 3.83 4.13 6.37
CA MET C 81 4.29 5.38 5.75
C MET C 81 3.26 6.46 6.02
N PRO C 82 3.41 7.14 7.16
CA PRO C 82 2.47 8.13 7.69
C PRO C 82 2.19 9.29 6.75
N ALA C 83 3.21 9.83 6.09
CA ALA C 83 2.98 10.98 5.22
C ALA C 83 2.00 10.64 4.09
N LEU C 84 2.23 9.51 3.43
CA LEU C 84 1.34 9.07 2.35
C LEU C 84 -0.07 8.81 2.85
N THR C 85 -0.17 8.21 4.02
CA THR C 85 -1.46 7.91 4.64
C THR C 85 -2.25 9.19 4.85
N LYS C 86 -1.56 10.22 5.33
CA LYS C 86 -2.16 11.54 5.51
C LYS C 86 -2.70 12.07 4.19
N GLY C 87 -1.93 11.88 3.13
CA GLY C 87 -2.34 12.33 1.81
C GLY C 87 -3.60 11.63 1.36
N LEU C 88 -3.66 10.32 1.60
CA LEU C 88 -4.82 9.54 1.19
C LEU C 88 -6.04 9.80 2.08
N ILE C 89 -5.81 10.15 3.34
CA ILE C 89 -6.91 10.54 4.20
C ILE C 89 -7.55 11.80 3.62
N ALA C 90 -6.72 12.78 3.25
CA ALA C 90 -7.24 14.01 2.66
C ALA C 90 -7.94 13.71 1.33
N LEU C 91 -7.34 12.84 0.53
CA LEU C 91 -7.93 12.45 -0.74
C LEU C 91 -9.31 11.83 -0.57
N ASP C 92 -9.49 11.06 0.50
CA ASP C 92 -10.74 10.38 0.78
C ASP C 92 -11.86 11.30 1.23
N ILE C 93 -11.52 12.37 1.93
CA ILE C 93 -12.54 13.23 2.54
C ILE C 93 -12.61 14.64 1.96
N GLU C 94 -11.79 14.94 0.96
CA GLU C 94 -11.79 16.26 0.33
C GLU C 94 -11.64 16.19 -1.20
N LYS C 95 -12.51 16.89 -1.91
CA LYS C 95 -12.37 17.05 -3.36
C LYS C 95 -11.32 18.11 -3.66
N ALA C 96 -10.28 17.75 -4.42
CA ALA C 96 -9.21 18.69 -4.74
C ALA C 96 -8.42 18.30 -5.97
N ASP C 97 -7.65 19.25 -6.49
CA ASP C 97 -6.78 19.01 -7.64
C ASP C 97 -5.43 18.50 -7.16
N LEU C 98 -5.03 18.95 -5.98
CA LEU C 98 -3.72 18.66 -5.43
C LEU C 98 -3.80 18.43 -3.93
N TYR C 99 -3.06 17.43 -3.46
CA TYR C 99 -3.00 17.13 -2.04
C TYR C 99 -1.55 17.21 -1.58
N ILE C 100 -1.30 18.01 -0.55
CA ILE C 100 0.03 18.12 0.02
C ILE C 100 0.01 17.62 1.46
N ALA C 101 0.84 16.63 1.73
CA ALA C 101 0.89 16.04 3.06
C ALA C 101 2.32 16.01 3.56
N ARG C 102 2.48 16.23 4.85
CA ARG C 102 3.78 16.13 5.48
C ARG C 102 3.66 15.32 6.76
N GLY C 103 4.57 14.38 6.94
CA GLY C 103 4.59 13.54 8.13
C GLY C 103 5.83 12.67 8.12
N ARG C 104 5.85 11.64 8.96
CA ARG C 104 6.99 10.75 9.01
C ARG C 104 7.10 9.93 7.72
N LEU C 105 8.34 9.64 7.32
CA LEU C 105 8.64 8.88 6.11
C LEU C 105 8.16 7.45 6.24
N GLY C 106 8.74 6.74 7.21
CA GLY C 106 8.48 5.33 7.40
C GLY C 106 8.42 4.93 8.86
N ALA C 107 9.33 4.07 9.28
CA ALA C 107 9.39 3.66 10.68
C ALA C 107 9.77 4.86 11.55
N PRO C 108 9.42 4.81 12.84
CA PRO C 108 9.93 5.79 13.80
C PRO C 108 11.46 5.95 13.72
N GLY C 109 11.89 7.19 13.51
CA GLY C 109 13.31 7.49 13.40
C GLY C 109 13.74 7.79 11.98
N SER C 110 12.85 7.50 11.04
CA SER C 110 13.18 7.60 9.62
C SER C 110 13.14 9.03 9.09
N GLY C 111 12.78 9.97 9.95
CA GLY C 111 12.71 11.36 9.55
C GLY C 111 11.39 11.68 8.85
N SER C 112 11.35 12.78 8.12
CA SER C 112 10.11 13.31 7.56
C SER C 112 10.04 13.26 6.03
N MET C 113 8.83 13.16 5.49
CA MET C 113 8.58 13.25 4.06
C MET C 113 7.49 14.28 3.77
N LEU C 114 7.72 15.13 2.76
CA LEU C 114 6.65 15.96 2.23
C LEU C 114 6.29 15.38 0.89
N VAL C 115 5.01 15.11 0.66
CA VAL C 115 4.63 14.50 -0.61
C VAL C 115 3.48 15.27 -1.24
N ILE C 116 3.43 15.28 -2.57
CA ILE C 116 2.33 15.93 -3.29
C ILE C 116 1.60 14.91 -4.16
N LEU C 117 0.28 14.83 -4.01
CA LEU C 117 -0.50 13.86 -4.75
C LEU C 117 -1.46 14.56 -5.69
N ASP C 118 -1.81 13.93 -6.80
CA ASP C 118 -2.83 14.49 -7.67
C ASP C 118 -4.20 13.98 -7.23
N GLU C 119 -5.24 14.26 -8.02
CA GLU C 119 -6.61 13.94 -7.62
C GLU C 119 -6.91 12.44 -7.61
N LYS C 120 -6.02 11.63 -8.15
CA LYS C 120 -6.19 10.17 -8.11
C LYS C 120 -5.19 9.50 -7.18
N GLY C 121 -4.50 10.30 -6.37
CA GLY C 121 -3.59 9.77 -5.38
C GLY C 121 -2.24 9.36 -5.92
N ARG C 122 -1.89 9.82 -7.12
CA ARG C 122 -0.56 9.55 -7.66
C ARG C 122 0.49 10.40 -6.94
N VAL C 123 1.67 9.84 -6.74
CA VAL C 123 2.78 10.57 -6.13
C VAL C 123 3.51 11.37 -7.22
N LEU C 124 3.32 12.69 -7.21
CA LEU C 124 3.91 13.55 -8.24
C LEU C 124 5.34 13.88 -7.89
N THR C 125 5.57 14.21 -6.63
CA THR C 125 6.90 14.58 -6.16
C THR C 125 6.95 14.54 -4.65
N ALA C 126 8.16 14.56 -4.09
CA ALA C 126 8.31 14.50 -2.64
C ALA C 126 9.69 15.01 -2.21
N SER C 127 9.87 15.24 -0.91
CA SER C 127 11.18 15.56 -0.38
C SER C 127 11.30 14.99 1.03
N LEU C 128 12.54 14.79 1.48
CA LEU C 128 12.78 14.19 2.77
C LEU C 128 13.59 15.11 3.67
N SER C 129 13.46 14.91 4.98
CA SER C 129 14.28 15.65 5.94
C SER C 129 14.80 14.68 6.97
N PRO C 130 16.00 14.96 7.50
CA PRO C 130 16.52 14.09 8.56
C PRO C 130 15.65 14.18 9.78
N SER C 131 15.73 13.20 10.67
CA SER C 131 15.02 13.29 11.94
C SER C 131 15.53 14.51 12.70
N SER C 132 14.65 15.14 13.46
CA SER C 132 15.02 16.33 14.21
C SER C 132 16.08 16.00 15.26
N VAL C 133 16.21 14.71 15.54
CA VAL C 133 17.27 14.19 16.40
C VAL C 133 18.64 14.42 15.76
N ILE C 134 18.71 14.22 14.45
CA ILE C 134 19.98 14.32 13.71
C ILE C 134 20.35 15.76 13.41
N HIS C 135 19.37 16.57 13.04
CA HIS C 135 19.63 17.96 12.70
C HIS C 135 18.46 18.81 13.12
N LYS C 136 18.64 19.54 14.22
CA LYS C 136 17.60 20.41 14.74
C LYS C 136 17.42 21.61 13.85
N GLU C 137 16.17 22.01 13.67
CA GLU C 137 15.85 23.20 12.89
C GLU C 137 14.44 23.65 13.17
N ASP C 138 14.24 24.96 13.17
CA ASP C 138 12.91 25.55 13.22
C ASP C 138 12.06 24.87 12.15
N ILE C 139 10.89 24.36 12.55
CA ILE C 139 10.09 23.53 11.67
C ILE C 139 9.48 24.37 10.53
N GLU C 140 9.42 25.68 10.70
CA GLU C 140 8.93 26.56 9.66
C GLU C 140 9.92 26.64 8.49
N GLU C 141 11.21 26.63 8.79
CA GLU C 141 12.23 26.64 7.76
C GLU C 141 12.38 25.28 7.12
N ARG C 142 12.21 24.23 7.92
CA ARG C 142 12.30 22.86 7.46
C ARG C 142 11.24 22.53 6.40
N ILE C 143 9.99 22.90 6.69
CA ILE C 143 8.88 22.61 5.78
C ILE C 143 9.05 23.41 4.50
N LYS C 144 9.41 24.68 4.67
CA LYS C 144 9.67 25.56 3.54
C LYS C 144 10.78 24.99 2.65
N LYS C 145 11.81 24.45 3.27
CA LYS C 145 12.90 23.86 2.50
C LYS C 145 12.46 22.56 1.85
N GLU C 146 11.63 21.79 2.55
CA GLU C 146 11.08 20.55 1.99
C GLU C 146 10.24 20.80 0.75
N LEU C 147 9.31 21.75 0.87
CA LEU C 147 8.39 22.04 -0.23
C LEU C 147 9.17 22.56 -1.44
N ILE C 148 10.13 23.45 -1.16
CA ILE C 148 10.93 24.04 -2.22
C ILE C 148 11.74 22.94 -2.92
N GLU C 149 12.25 21.99 -2.17
CA GLU C 149 12.98 20.88 -2.79
C GLU C 149 12.01 20.01 -3.61
N ALA C 150 10.82 19.78 -3.07
CA ALA C 150 9.83 18.97 -3.78
C ALA C 150 9.40 19.55 -5.11
N LEU C 151 9.32 20.88 -5.18
CA LEU C 151 8.92 21.56 -6.41
C LEU C 151 10.03 21.72 -7.45
N SER C 152 11.23 22.07 -7.00
CA SER C 152 12.31 22.34 -7.94
C SER C 152 12.79 21.06 -8.62
N ARG C 153 12.67 19.93 -7.91
CA ARG C 153 13.13 18.66 -8.46
C ARG C 153 12.24 18.19 -9.62
N ILE C 154 11.04 18.75 -9.73
CA ILE C 154 10.20 18.51 -10.90
C ILE C 154 10.12 19.77 -11.75
N GLY C 155 11.03 20.71 -11.50
CA GLY C 155 11.22 21.85 -12.38
C GLY C 155 10.42 23.10 -12.09
N ILE C 156 9.98 23.26 -10.85
CA ILE C 156 9.20 24.44 -10.48
C ILE C 156 9.99 25.32 -9.50
N SER C 157 10.23 26.56 -9.90
CA SER C 157 11.06 27.50 -9.16
C SER C 157 10.25 28.50 -8.33
N ILE C 158 10.79 28.84 -7.16
CA ILE C 158 10.10 29.68 -6.18
C ILE C 158 10.56 31.14 -6.22
N VAL D 2 15.82 -2.31 23.52
CA VAL D 2 14.83 -3.36 23.36
C VAL D 2 14.67 -3.75 21.90
N VAL D 3 13.69 -4.60 21.61
CA VAL D 3 13.39 -5.02 20.24
C VAL D 3 12.63 -3.92 19.50
N MET D 4 12.78 -3.90 18.16
CA MET D 4 12.14 -2.92 17.31
C MET D 4 10.65 -2.84 17.55
N GLU D 5 10.02 -4.00 17.77
CA GLU D 5 8.58 -4.08 17.97
C GLU D 5 8.14 -3.28 19.21
N GLU D 6 8.97 -3.26 20.25
CA GLU D 6 8.60 -2.52 21.45
C GLU D 6 8.83 -1.02 21.31
N ILE D 7 9.86 -0.64 20.55
CA ILE D 7 10.15 0.76 20.33
C ILE D 7 9.02 1.40 19.51
N ILE D 8 8.55 0.67 18.50
CA ILE D 8 7.49 1.16 17.65
C ILE D 8 6.17 1.21 18.41
N LYS D 9 5.97 0.22 19.28
CA LYS D 9 4.80 0.19 20.17
C LYS D 9 4.70 1.48 20.97
N LYS D 10 5.81 1.87 21.58
CA LYS D 10 5.88 3.09 22.38
C LYS D 10 5.56 4.33 21.55
N ALA D 11 6.09 4.39 20.34
CA ALA D 11 5.85 5.53 19.47
C ALA D 11 4.38 5.63 19.08
N PHE D 12 3.80 4.48 18.78
CA PHE D 12 2.41 4.40 18.39
C PHE D 12 1.51 4.85 19.54
N ILE D 13 1.89 4.47 20.75
CA ILE D 13 1.13 4.83 21.95
C ILE D 13 1.16 6.33 22.18
N GLU D 14 2.33 6.92 21.92
CA GLU D 14 2.51 8.36 22.03
C GLU D 14 1.61 9.13 21.05
N SER D 15 1.47 8.62 19.83
CA SER D 15 0.64 9.28 18.81
C SER D 15 -0.84 9.14 19.11
N ILE D 16 -1.23 7.95 19.59
CA ILE D 16 -2.61 7.68 19.93
C ILE D 16 -3.08 8.61 21.05
N ASN D 17 -2.24 8.74 22.08
CA ASN D 17 -2.58 9.53 23.25
C ASN D 17 -1.97 10.92 23.27
N ASN D 18 -1.49 11.36 22.10
CA ASN D 18 -1.01 12.73 21.90
C ASN D 18 0.10 13.18 22.85
N ILE D 19 1.09 12.33 23.04
CA ILE D 19 2.29 12.73 23.77
C ILE D 19 3.49 12.60 22.84
N ARG D 20 3.22 12.21 21.61
CA ARG D 20 4.23 12.07 20.57
C ARG D 20 4.70 13.43 20.08
N ARG D 21 5.99 13.71 20.27
CA ARG D 21 6.56 14.95 19.78
C ARG D 21 7.80 14.63 18.95
N GLY D 22 7.59 14.13 17.73
CA GLY D 22 8.70 13.81 16.85
C GLY D 22 9.37 12.50 17.25
N ASP D 23 10.39 12.12 16.48
CA ASP D 23 11.14 10.89 16.74
C ASP D 23 11.96 10.96 18.03
N LYS D 24 12.25 9.79 18.61
CA LYS D 24 13.08 9.72 19.81
C LYS D 24 14.48 9.24 19.45
N GLU D 25 15.41 9.52 20.35
CA GLU D 25 16.81 9.16 20.18
C GLU D 25 17.01 7.64 20.08
N GLU D 26 16.31 6.89 20.92
CA GLU D 26 16.38 5.44 20.93
C GLU D 26 15.90 4.83 19.61
N GLU D 27 14.89 5.46 19.02
CA GLU D 27 14.34 5.00 17.75
C GLU D 27 15.40 5.12 16.67
N LEU D 28 16.15 6.22 16.73
CA LEU D 28 17.20 6.48 15.77
C LEU D 28 18.34 5.48 15.86
N LYS D 29 18.65 5.08 17.08
CA LYS D 29 19.73 4.12 17.34
C LYS D 29 19.35 2.74 16.82
N LYS D 30 18.07 2.44 16.89
CA LYS D 30 17.58 1.14 16.47
C LYS D 30 17.74 0.94 14.98
N ILE D 31 17.40 1.97 14.21
CA ILE D 31 17.57 1.91 12.77
C ILE D 31 19.05 1.79 12.39
N GLN D 32 19.91 2.56 13.05
CA GLN D 32 21.35 2.49 12.83
C GLN D 32 21.90 1.11 13.13
N GLU D 33 21.49 0.57 14.27
CA GLU D 33 21.90 -0.76 14.70
C GLU D 33 21.45 -1.79 13.68
N LYS D 34 20.23 -1.62 13.15
CA LYS D 34 19.71 -2.54 12.14
C LYS D 34 20.57 -2.56 10.87
N ILE D 35 21.07 -1.40 10.47
CA ILE D 35 21.92 -1.32 9.29
C ILE D 35 23.33 -1.86 9.56
N VAL D 36 23.93 -1.44 10.68
CA VAL D 36 25.30 -1.83 11.00
C VAL D 36 25.46 -3.34 11.26
N ASN D 37 24.58 -3.92 12.07
CA ASN D 37 24.71 -5.34 12.43
C ASN D 37 24.07 -6.27 11.42
N ALA D 38 23.68 -5.74 10.26
CA ALA D 38 23.08 -6.56 9.22
C ALA D 38 24.09 -7.59 8.73
N LYS D 39 23.64 -8.82 8.54
CA LYS D 39 24.53 -9.90 8.15
C LYS D 39 24.27 -10.34 6.72
N LYS D 40 23.05 -10.08 6.25
CA LYS D 40 22.67 -10.43 4.89
C LYS D 40 21.94 -9.24 4.27
N ILE D 41 22.44 -8.78 3.12
CA ILE D 41 21.82 -7.66 2.41
C ILE D 41 21.44 -8.04 0.98
N VAL D 42 20.22 -7.69 0.59
CA VAL D 42 19.78 -7.91 -0.78
C VAL D 42 19.57 -6.57 -1.47
N VAL D 43 20.21 -6.39 -2.62
CA VAL D 43 20.00 -5.20 -3.43
C VAL D 43 19.05 -5.57 -4.56
N ALA D 44 17.88 -4.93 -4.58
CA ALA D 44 16.83 -5.29 -5.54
C ALA D 44 17.12 -4.72 -6.92
N THR D 45 18.11 -5.29 -7.60
CA THR D 45 18.44 -4.87 -8.96
C THR D 45 19.06 -6.02 -9.76
N ASN D 46 19.19 -5.80 -11.07
CA ASN D 46 19.95 -6.70 -11.95
C ASN D 46 21.08 -5.91 -12.58
N ASN D 47 21.02 -4.60 -12.42
CA ASN D 47 22.06 -3.74 -12.94
C ASN D 47 23.29 -3.93 -12.05
N GLN D 48 24.30 -4.57 -12.61
CA GLN D 48 25.50 -4.94 -11.87
C GLN D 48 26.33 -3.71 -11.55
N LYS D 49 26.27 -2.71 -12.42
CA LYS D 49 26.95 -1.43 -12.19
C LYS D 49 26.41 -0.77 -10.92
N LYS D 50 25.09 -0.59 -10.88
CA LYS D 50 24.40 0.02 -9.75
C LYS D 50 24.62 -0.80 -8.49
N PHE D 51 24.67 -2.12 -8.67
CA PHE D 51 24.90 -3.05 -7.57
C PHE D 51 26.29 -2.85 -6.95
N LYS D 52 27.30 -2.64 -7.80
CA LYS D 52 28.68 -2.44 -7.34
C LYS D 52 28.77 -1.31 -6.31
N VAL D 53 28.25 -0.14 -6.70
CA VAL D 53 28.29 1.05 -5.88
C VAL D 53 27.58 0.81 -4.56
N ILE D 54 26.37 0.26 -4.62
CA ILE D 54 25.60 0.00 -3.41
C ILE D 54 26.31 -1.03 -2.53
N ARG D 55 26.84 -2.10 -3.15
CA ARG D 55 27.56 -3.11 -2.38
C ARG D 55 28.82 -2.54 -1.72
N ASP D 56 29.64 -1.84 -2.51
CA ASP D 56 30.90 -1.29 -1.99
C ASP D 56 30.68 -0.32 -0.81
N ILE D 57 29.66 0.51 -0.91
CA ILE D 57 29.35 1.45 0.17
C ILE D 57 28.93 0.68 1.41
N MET D 58 28.01 -0.26 1.25
CA MET D 58 27.48 -0.95 2.41
C MET D 58 28.53 -1.83 3.06
N LEU D 59 29.54 -2.21 2.29
CA LEU D 59 30.65 -2.97 2.87
C LEU D 59 31.50 -2.07 3.78
N ARG D 60 31.34 -0.76 3.64
CA ARG D 60 32.08 0.19 4.47
C ARG D 60 31.42 0.40 5.84
N VAL D 61 30.18 -0.04 5.97
CA VAL D 61 29.43 0.17 7.21
C VAL D 61 29.06 -1.15 7.90
N CYS D 62 29.09 -2.24 7.14
CA CYS D 62 28.80 -3.54 7.73
C CYS D 62 29.60 -4.68 7.11
N ASN D 63 29.78 -5.75 7.88
CA ASN D 63 30.40 -6.99 7.40
C ASN D 63 29.28 -7.97 7.05
N ALA D 64 28.69 -7.77 5.89
CA ALA D 64 27.49 -8.52 5.51
C ALA D 64 27.64 -9.19 4.16
N GLU D 65 26.99 -10.34 4.03
CA GLU D 65 26.81 -10.98 2.74
C GLU D 65 25.88 -10.10 1.89
N ILE D 66 26.36 -9.66 0.73
CA ILE D 66 25.61 -8.72 -0.07
C ILE D 66 25.24 -9.32 -1.41
N LYS D 67 23.94 -9.34 -1.72
CA LYS D 67 23.43 -10.08 -2.85
C LYS D 67 22.60 -9.20 -3.80
N MET D 68 22.62 -9.55 -5.07
CA MET D 68 21.89 -8.88 -6.13
C MET D 68 20.60 -9.67 -6.41
N LEU D 69 19.59 -9.05 -7.03
CA LEU D 69 18.35 -9.76 -7.33
C LEU D 69 18.45 -10.61 -8.59
N ASP D 70 18.01 -11.86 -8.49
CA ASP D 70 18.04 -12.82 -9.60
C ASP D 70 17.06 -12.49 -10.74
N ILE D 71 16.02 -11.71 -10.42
CA ILE D 71 14.95 -11.45 -11.39
C ILE D 71 14.83 -9.98 -11.76
N ASP D 72 14.17 -9.70 -12.88
CA ASP D 72 14.00 -8.35 -13.42
C ASP D 72 12.88 -7.60 -12.72
N THR D 73 13.23 -6.47 -12.12
CA THR D 73 12.27 -5.69 -11.34
C THR D 73 11.71 -4.50 -12.11
N ARG D 74 11.82 -4.52 -13.44
CA ARG D 74 11.32 -3.39 -14.22
C ARG D 74 9.81 -3.31 -14.22
N PHE D 75 9.18 -4.43 -13.90
CA PHE D 75 7.73 -4.51 -13.92
C PHE D 75 7.14 -3.79 -12.72
N ALA D 76 7.98 -3.46 -11.74
CA ALA D 76 7.56 -2.65 -10.61
C ALA D 76 7.15 -1.26 -11.08
N ASP D 77 7.59 -0.87 -12.27
CA ASP D 77 7.31 0.44 -12.82
C ASP D 77 5.86 0.62 -13.26
N LEU D 78 5.04 -0.40 -13.04
CA LEU D 78 3.60 -0.32 -13.31
C LEU D 78 2.85 0.06 -12.05
N THR D 79 3.55 0.11 -10.93
CA THR D 79 2.91 0.36 -9.65
C THR D 79 3.00 1.83 -9.28
N ARG D 80 2.31 2.21 -8.21
CA ARG D 80 2.20 3.61 -7.83
C ARG D 80 3.55 4.13 -7.33
N MET D 81 4.29 3.26 -6.64
CA MET D 81 5.63 3.59 -6.14
C MET D 81 6.58 2.44 -6.46
N PRO D 82 7.21 2.48 -7.63
CA PRO D 82 8.03 1.36 -8.14
C PRO D 82 9.18 0.96 -7.24
N ALA D 83 9.89 1.94 -6.67
CA ALA D 83 11.06 1.64 -5.84
C ALA D 83 10.68 0.79 -4.62
N LEU D 84 9.62 1.19 -3.93
CA LEU D 84 9.12 0.43 -2.80
C LEU D 84 8.71 -0.97 -3.21
N THR D 85 8.05 -1.05 -4.37
CA THR D 85 7.61 -2.32 -4.91
C THR D 85 8.80 -3.25 -5.10
N LYS D 86 9.89 -2.71 -5.65
CA LYS D 86 11.11 -3.49 -5.84
C LYS D 86 11.65 -4.04 -4.51
N GLY D 87 11.60 -3.22 -3.46
CA GLY D 87 12.04 -3.69 -2.17
C GLY D 87 11.16 -4.83 -1.66
N LEU D 88 9.85 -4.69 -1.87
CA LEU D 88 8.90 -5.68 -1.38
C LEU D 88 8.99 -6.96 -2.20
N ILE D 89 9.33 -6.83 -3.48
CA ILE D 89 9.58 -8.01 -4.29
C ILE D 89 10.79 -8.78 -3.75
N ALA D 90 11.88 -8.05 -3.47
CA ALA D 90 13.10 -8.68 -2.95
C ALA D 90 12.81 -9.34 -1.61
N LEU D 91 12.07 -8.64 -0.77
CA LEU D 91 11.66 -9.14 0.54
C LEU D 91 10.88 -10.45 0.43
N ASP D 92 10.08 -10.59 -0.62
CA ASP D 92 9.25 -11.78 -0.79
C ASP D 92 10.04 -13.02 -1.19
N ILE D 93 11.12 -12.85 -1.96
CA ILE D 93 11.83 -13.98 -2.54
C ILE D 93 13.26 -14.20 -2.02
N GLU D 94 13.69 -13.36 -1.08
CA GLU D 94 15.01 -13.52 -0.49
C GLU D 94 14.99 -13.26 1.01
N LYS D 95 15.55 -14.20 1.77
CA LYS D 95 15.74 -14.02 3.20
C LYS D 95 16.97 -13.14 3.47
N ALA D 96 16.77 -12.05 4.20
CA ALA D 96 17.87 -11.12 4.51
C ALA D 96 17.53 -10.22 5.69
N ASP D 97 18.56 -9.54 6.20
CA ASP D 97 18.39 -8.58 7.30
C ASP D 97 18.01 -7.19 6.78
N LEU D 98 18.45 -6.87 5.56
CA LEU D 98 18.30 -5.55 5.00
C LEU D 98 17.99 -5.60 3.52
N TYR D 99 17.07 -4.75 3.07
CA TYR D 99 16.72 -4.69 1.66
C TYR D 99 16.93 -3.27 1.12
N ILE D 100 17.73 -3.12 0.06
CA ILE D 100 17.98 -1.82 -0.54
C ILE D 100 17.46 -1.81 -1.97
N ALA D 101 16.55 -0.88 -2.25
CA ALA D 101 15.92 -0.81 -3.56
C ALA D 101 16.00 0.59 -4.13
N ARG D 102 16.18 0.69 -5.43
CA ARG D 102 16.20 1.97 -6.10
C ARG D 102 15.32 1.91 -7.35
N GLY D 103 14.48 2.92 -7.55
CA GLY D 103 13.61 2.97 -8.70
C GLY D 103 12.86 4.28 -8.73
N ARG D 104 11.80 4.34 -9.54
CA ARG D 104 10.99 5.54 -9.64
C ARG D 104 10.28 5.78 -8.32
N LEU D 105 10.10 7.05 -7.96
CA LEU D 105 9.40 7.43 -6.74
C LEU D 105 7.93 7.06 -6.83
N GLY D 106 7.27 7.67 -7.82
CA GLY D 106 5.84 7.54 -7.99
C GLY D 106 5.43 7.55 -9.44
N ALA D 107 4.66 8.57 -9.82
CA ALA D 107 4.22 8.70 -11.20
C ALA D 107 5.43 8.93 -12.08
N PRO D 108 5.30 8.62 -13.38
CA PRO D 108 6.32 8.98 -14.35
C PRO D 108 6.72 10.46 -14.27
N GLY D 109 8.00 10.73 -14.10
CA GLY D 109 8.46 12.10 -14.02
C GLY D 109 8.83 12.52 -12.61
N SER D 110 8.49 11.67 -11.65
CA SER D 110 8.64 11.99 -10.24
C SER D 110 10.07 11.79 -9.76
N GLY D 111 10.94 11.34 -10.64
CA GLY D 111 12.34 11.14 -10.29
C GLY D 111 12.55 9.80 -9.59
N SER D 112 13.66 9.67 -8.88
CA SER D 112 14.08 8.39 -8.32
C SER D 112 14.05 8.40 -6.79
N MET D 113 13.87 7.21 -6.23
CA MET D 113 13.95 7.00 -4.79
C MET D 113 14.90 5.84 -4.50
N LEU D 114 15.76 6.00 -3.52
CA LEU D 114 16.49 4.86 -2.96
C LEU D 114 15.90 4.63 -1.59
N VAL D 115 15.51 3.39 -1.30
CA VAL D 115 14.87 3.08 -0.03
C VAL D 115 15.57 1.90 0.64
N ILE D 116 15.62 1.91 1.97
CA ILE D 116 16.18 0.79 2.71
C ILE D 116 15.12 0.22 3.65
N LEU D 117 14.91 -1.08 3.57
CA LEU D 117 13.89 -1.76 4.36
C LEU D 117 14.53 -2.78 5.30
N ASP D 118 13.90 -3.05 6.43
CA ASP D 118 14.35 -4.12 7.32
C ASP D 118 13.67 -5.42 6.91
N GLU D 119 13.82 -6.46 7.73
CA GLU D 119 13.33 -7.79 7.37
C GLU D 119 11.80 -7.89 7.39
N LYS D 120 11.12 -6.88 7.90
CA LYS D 120 9.66 -6.88 7.92
C LYS D 120 9.11 -5.86 6.95
N GLY D 121 9.98 -5.27 6.13
CA GLY D 121 9.54 -4.34 5.11
C GLY D 121 9.23 -2.95 5.65
N ARG D 122 9.72 -2.65 6.84
CA ARG D 122 9.58 -1.30 7.38
C ARG D 122 10.52 -0.39 6.61
N VAL D 123 10.10 0.86 6.39
CA VAL D 123 10.96 1.84 5.74
C VAL D 123 11.88 2.50 6.77
N LEU D 124 13.17 2.17 6.73
CA LEU D 124 14.12 2.71 7.71
C LEU D 124 14.60 4.09 7.31
N THR D 125 14.91 4.24 6.02
CA THR D 125 15.40 5.51 5.51
C THR D 125 15.30 5.47 4.00
N ALA D 126 15.43 6.63 3.38
CA ALA D 126 15.35 6.76 1.93
C ALA D 126 15.97 8.07 1.46
N SER D 127 16.24 8.17 0.16
CA SER D 127 16.67 9.45 -0.43
C SER D 127 16.16 9.53 -1.85
N LEU D 128 16.08 10.76 -2.37
CA LEU D 128 15.50 11.00 -3.68
C LEU D 128 16.47 11.69 -4.65
N SER D 129 16.23 11.54 -5.95
CA SER D 129 16.95 12.30 -6.95
C SER D 129 15.94 12.78 -7.99
N PRO D 130 16.19 13.96 -8.58
CA PRO D 130 15.35 14.49 -9.64
C PRO D 130 15.42 13.61 -10.87
N SER D 131 14.42 13.74 -11.74
CA SER D 131 14.49 13.09 -13.05
C SER D 131 15.71 13.62 -13.79
N SER D 132 16.34 12.77 -14.60
CA SER D 132 17.52 13.20 -15.34
C SER D 132 17.11 14.31 -16.31
N VAL D 133 15.81 14.42 -16.55
CA VAL D 133 15.25 15.52 -17.32
C VAL D 133 15.52 16.87 -16.65
N ILE D 134 15.36 16.92 -15.32
CA ILE D 134 15.56 18.17 -14.61
C ILE D 134 17.06 18.37 -14.35
N HIS D 135 17.75 17.30 -13.98
CA HIS D 135 19.19 17.37 -13.78
C HIS D 135 19.90 16.07 -14.09
N LYS D 136 20.62 16.04 -15.22
CA LYS D 136 21.39 14.86 -15.63
C LYS D 136 22.61 14.64 -14.74
N GLU D 137 22.93 13.37 -14.52
CA GLU D 137 24.07 13.02 -13.69
C GLU D 137 24.50 11.58 -13.99
N ASP D 138 25.81 11.32 -13.94
CA ASP D 138 26.34 9.96 -14.04
C ASP D 138 25.62 9.07 -13.02
N ILE D 139 25.09 7.94 -13.46
CA ILE D 139 24.21 7.14 -12.61
C ILE D 139 24.95 6.48 -11.44
N GLU D 140 26.25 6.27 -11.57
CA GLU D 140 27.04 5.70 -10.49
C GLU D 140 27.28 6.70 -9.36
N GLU D 141 27.48 7.96 -9.71
CA GLU D 141 27.67 9.00 -8.70
C GLU D 141 26.32 9.36 -8.10
N ARG D 142 25.29 9.31 -8.95
CA ARG D 142 23.92 9.58 -8.52
C ARG D 142 23.50 8.64 -7.42
N ILE D 143 23.74 7.35 -7.65
CA ILE D 143 23.37 6.31 -6.69
C ILE D 143 24.20 6.40 -5.41
N LYS D 144 25.51 6.58 -5.57
CA LYS D 144 26.41 6.75 -4.44
C LYS D 144 25.93 7.94 -3.60
N LYS D 145 25.44 8.97 -4.28
CA LYS D 145 24.91 10.15 -3.61
C LYS D 145 23.62 9.84 -2.87
N GLU D 146 22.76 9.05 -3.50
CA GLU D 146 21.50 8.63 -2.89
C GLU D 146 21.75 7.80 -1.63
N LEU D 147 22.64 6.81 -1.75
CA LEU D 147 22.91 5.89 -0.64
C LEU D 147 23.53 6.60 0.57
N ILE D 148 24.48 7.49 0.32
CA ILE D 148 25.16 8.18 1.41
C ILE D 148 24.19 9.06 2.18
N GLU D 149 23.31 9.76 1.46
CA GLU D 149 22.33 10.63 2.13
C GLU D 149 21.35 9.80 2.94
N ALA D 150 20.91 8.69 2.39
CA ALA D 150 19.96 7.81 3.07
C ALA D 150 20.56 7.31 4.37
N LEU D 151 21.86 7.07 4.34
CA LEU D 151 22.61 6.65 5.53
C LEU D 151 22.94 7.83 6.44
N SER D 152 23.29 8.96 5.85
CA SER D 152 23.72 10.11 6.65
C SER D 152 22.53 10.76 7.35
N ARG D 153 21.35 10.65 6.75
CA ARG D 153 20.17 11.28 7.34
C ARG D 153 19.67 10.57 8.60
N ILE D 154 20.14 9.34 8.82
CA ILE D 154 19.84 8.67 10.09
C ILE D 154 21.10 8.54 10.94
N GLY D 155 22.13 9.29 10.55
CA GLY D 155 23.33 9.45 11.37
C GLY D 155 24.44 8.45 11.12
N ILE D 156 24.47 7.87 9.92
CA ILE D 156 25.50 6.91 9.59
C ILE D 156 26.43 7.41 8.51
N SER D 157 27.70 7.59 8.88
CA SER D 157 28.73 8.10 7.97
C SER D 157 29.61 6.94 7.52
N ILE D 158 29.96 6.90 6.24
CA ILE D 158 30.74 5.78 5.72
C ILE D 158 32.20 6.18 5.53
S SO4 E . 9.75 -20.46 6.33
O1 SO4 E . 8.49 -20.58 7.06
O2 SO4 E . 10.58 -19.43 6.94
O3 SO4 E . 10.44 -21.73 6.37
O4 SO4 E . 9.47 -20.08 4.94
S SO4 F . -11.97 -4.30 16.89
O1 SO4 F . -11.13 -3.52 15.99
O2 SO4 F . -11.79 -3.83 18.27
O3 SO4 F . -13.37 -4.11 16.52
O4 SO4 F . -11.60 -5.70 16.82
S SO4 G . -15.14 -3.84 12.76
O1 SO4 G . -16.34 -3.68 13.57
O2 SO4 G . -14.35 -4.97 13.28
O3 SO4 G . -15.53 -4.09 11.37
O4 SO4 G . -14.35 -2.62 12.83
S SO4 H . 1.02 -28.57 -9.51
O1 SO4 H . 0.65 -29.95 -9.78
O2 SO4 H . 1.56 -27.96 -10.73
O3 SO4 H . -0.16 -27.83 -9.08
O4 SO4 H . 2.04 -28.54 -8.47
S SO4 I . -26.82 -15.99 3.65
O1 SO4 I . -26.44 -17.18 2.90
O2 SO4 I . -26.00 -14.86 3.23
O3 SO4 I . -28.22 -15.69 3.41
O4 SO4 I . -26.61 -16.22 5.08
S SO4 J . -19.71 11.66 -5.44
O1 SO4 J . -21.03 12.13 -5.05
O2 SO4 J . -19.45 10.35 -4.89
O3 SO4 J . -19.64 11.63 -6.91
O4 SO4 J . -18.70 12.59 -4.93
S SO4 K . -6.09 -14.39 -12.76
O1 SO4 K . -7.18 -13.50 -13.15
O2 SO4 K . -4.80 -13.79 -13.10
O3 SO4 K . -6.14 -14.64 -11.32
O4 SO4 K . -6.23 -15.66 -13.47
S SO4 L . -6.05 -11.46 -16.44
O1 SO4 L . -7.35 -11.83 -15.89
O2 SO4 L . -5.23 -12.66 -16.63
O3 SO4 L . -6.24 -10.79 -17.73
O4 SO4 L . -5.38 -10.54 -15.52
S SO4 M . -6.23 -20.41 -9.24
O1 SO4 M . -7.47 -20.88 -8.62
O2 SO4 M . -5.69 -21.48 -10.08
O3 SO4 M . -6.52 -19.25 -10.07
O4 SO4 M . -5.27 -20.06 -8.21
S SO4 N . 0.74 -5.66 2.27
O1 SO4 N . 1.42 -6.94 2.21
O2 SO4 N . 1.65 -4.66 2.84
O3 SO4 N . 0.29 -5.25 0.94
O4 SO4 N . -0.42 -5.81 3.13
S SO4 O . -27.40 4.54 10.33
O1 SO4 O . -27.10 3.53 9.32
O2 SO4 O . -26.34 4.53 11.34
O3 SO4 O . -27.47 5.86 9.70
O4 SO4 O . -28.68 4.21 10.95
S SO4 P . -5.57 16.23 -16.81
O1 SO4 P . -5.02 14.93 -16.45
O2 SO4 P . -4.77 16.81 -17.88
O3 SO4 P . -6.95 16.07 -17.26
O4 SO4 P . -5.53 17.11 -15.64
S SO4 Q . 4.77 15.64 11.61
O1 SO4 Q . 5.49 14.36 11.61
O2 SO4 Q . 5.04 16.37 10.38
O3 SO4 Q . 3.33 15.40 11.71
O4 SO4 Q . 5.20 16.43 12.75
S SO4 R . 0.19 17.56 11.65
O1 SO4 R . 0.78 17.83 12.95
O2 SO4 R . -0.35 16.20 11.61
O3 SO4 R . -0.90 18.51 11.42
O4 SO4 R . 1.19 17.73 10.60
S SO4 S . -3.99 35.89 3.45
O1 SO4 S . -3.92 35.37 2.09
O2 SO4 S . -2.81 36.71 3.72
O3 SO4 S . -5.19 36.72 3.59
O4 SO4 S . -4.05 34.78 4.41
S SO4 T . 15.52 -6.35 16.58
O1 SO4 T . 16.03 -5.92 17.89
O2 SO4 T . 16.62 -6.44 15.63
O3 SO4 T . 14.87 -7.65 16.73
O4 SO4 T . 14.56 -5.37 16.10
S SO4 U . 17.62 -1.54 -12.19
O1 SO4 U . 18.16 -2.88 -11.91
O2 SO4 U . 16.17 -1.63 -12.27
O3 SO4 U . 18.00 -0.64 -11.12
O4 SO4 U . 18.18 -1.05 -13.45
S SO4 V . 15.76 2.66 -11.87
O1 SO4 V . 16.83 1.98 -11.15
O2 SO4 V . 16.05 2.65 -13.30
O3 SO4 V . 14.49 1.97 -11.65
O4 SO4 V . 15.66 4.04 -11.40
S SO4 W . 21.71 20.09 -15.83
O1 SO4 W . 20.39 19.66 -16.29
O2 SO4 W . 22.66 18.98 -15.94
O3 SO4 W . 22.17 21.21 -16.65
O4 SO4 W . 21.63 20.52 -14.44
#